data_7PC8
#
_entry.id   7PC8
#
_cell.length_a   226.580
_cell.length_b   59.820
_cell.length_c   125.210
_cell.angle_alpha   90.000
_cell.angle_beta   117.840
_cell.angle_gamma   90.000
#
_symmetry.space_group_name_H-M   'C 1 2 1'
#
loop_
_entity.id
_entity.type
_entity.pdbx_description
1 polymer 'Gamma-1-syntrophin,Annexin A2'
2 polymer 'Ribosomal protein S6 kinase alpha-1'
3 non-polymer 'CALCIUM ION'
4 non-polymer GLYCEROL
5 water water
#
loop_
_entity_poly.entity_id
_entity_poly.type
_entity_poly.pdbx_seq_one_letter_code
_entity_poly.pdbx_strand_id
1 'polypeptide(L)'
;GSHMGGERTVTIRRQTVGGFGLSIKGGAEHNIPVVVSKISKEQRAELSGLLFIGDAILQINGINVRKCRHEEVVQVLRNA
GEEVTLTVSFLKRAPGSAYGSVKAYTNFDAERDALNIETAIKTKGVDEVTIVNILTNRSNEQRQDIAFAYQRRTKKELAS
ALKSALSGHLETVILGLLKTPAQYDASELKASMKGLGTDEDSLIEIICSRTNQELQEINRVYKEMYKTDLEKDIISDTSG
DFRKLMVALAKGRRAEDGSVIDYELIDQDARDLYDAGVKRKGTDVPKWISIMTERSVPHLQKVFDRYKSYSPYDMLESIR
KEVKGDLENAFLNLVQCIQNKPLYFADRLYDSMKGKGTRDKVLIRIMVSRSEVDMLKIRSEFKRKYGKSLYYYIQQDTKG
DYQKALLYLCGGDD
;
A,B
2 'polypeptide(L)' RVRKLPETTL C,D
#
loop_
_chem_comp.id
_chem_comp.type
_chem_comp.name
_chem_comp.formula
CA non-polymer 'CALCIUM ION' 'Ca 2'
GOL non-polymer GLYCEROL 'C3 H8 O3'
#
# COMPACT_ATOMS: atom_id res chain seq x y z
N SER A 2 -8.89 23.46 -11.37
CA SER A 2 -7.66 24.11 -11.80
C SER A 2 -7.66 25.60 -11.46
N HIS A 3 -7.06 25.95 -10.34
CA HIS A 3 -6.95 27.35 -9.92
C HIS A 3 -5.53 27.84 -10.19
N MET A 4 -5.41 28.86 -11.03
CA MET A 4 -4.12 29.47 -11.31
C MET A 4 -3.91 30.66 -10.37
N GLY A 5 -2.84 30.62 -9.58
CA GLY A 5 -2.54 31.70 -8.68
C GLY A 5 -2.01 32.93 -9.39
N GLY A 6 -1.91 34.02 -8.65
CA GLY A 6 -1.38 35.24 -9.22
C GLY A 6 0.03 35.04 -9.75
N GLU A 7 0.33 35.70 -10.86
CA GLU A 7 1.62 35.51 -11.52
C GLU A 7 2.76 36.06 -10.66
N ARG A 8 3.91 35.40 -10.76
CA ARG A 8 5.08 35.77 -9.97
C ARG A 8 6.33 35.58 -10.80
N THR A 9 7.34 36.39 -10.48
CA THR A 9 8.66 36.32 -11.09
C THR A 9 9.63 35.74 -10.09
N VAL A 10 10.45 34.78 -10.53
CA VAL A 10 11.44 34.13 -9.67
C VAL A 10 12.74 33.97 -10.46
N THR A 11 13.86 34.26 -9.81
CA THR A 11 15.17 34.08 -10.42
C THR A 11 15.84 32.85 -9.81
N ILE A 12 16.24 31.91 -10.65
CA ILE A 12 16.94 30.71 -10.20
C ILE A 12 18.33 30.70 -10.81
N ARG A 13 19.28 30.18 -10.05
CA ARG A 13 20.67 30.17 -10.44
C ARG A 13 21.16 28.74 -10.60
N ARG A 14 21.96 28.50 -11.64
CA ARG A 14 22.55 27.18 -11.83
C ARG A 14 23.46 26.84 -10.66
N GLN A 15 23.43 25.57 -10.26
CA GLN A 15 24.27 25.06 -9.20
C GLN A 15 25.50 24.38 -9.79
N THR A 16 26.57 24.36 -9.01
CA THR A 16 27.79 23.69 -9.44
C THR A 16 27.63 22.18 -9.55
N VAL A 17 26.55 21.61 -8.98
CA VAL A 17 26.24 20.20 -9.18
C VAL A 17 25.93 19.90 -10.64
N GLY A 18 25.61 20.92 -11.43
CA GLY A 18 25.37 20.76 -12.85
C GLY A 18 23.94 21.03 -13.31
N GLY A 19 23.16 21.77 -12.54
CA GLY A 19 21.80 22.05 -12.95
C GLY A 19 21.17 23.13 -12.09
N PHE A 20 19.87 23.30 -12.29
CA PHE A 20 19.12 24.29 -11.54
C PHE A 20 18.52 23.76 -10.24
N GLY A 21 18.63 22.45 -9.99
CA GLY A 21 18.02 21.87 -8.82
C GLY A 21 16.52 21.74 -8.91
N LEU A 22 15.97 21.71 -10.13
CA LEU A 22 14.54 21.65 -10.35
C LEU A 22 14.14 20.33 -11.01
N SER A 23 12.90 19.94 -10.78
CA SER A 23 12.27 18.82 -11.46
C SER A 23 10.90 19.27 -11.93
N ILE A 24 10.52 18.85 -13.15
CA ILE A 24 9.30 19.33 -13.78
C ILE A 24 8.55 18.17 -14.41
N LYS A 25 7.22 18.26 -14.39
CA LYS A 25 6.33 17.36 -15.10
C LYS A 25 5.34 18.18 -15.92
N GLY A 26 4.70 17.52 -16.88
CA GLY A 26 3.63 18.13 -17.64
C GLY A 26 4.11 18.69 -18.97
N GLY A 27 3.14 19.22 -19.71
CA GLY A 27 3.39 19.75 -21.03
C GLY A 27 2.13 19.72 -21.87
N ALA A 28 2.22 20.36 -23.04
CA ALA A 28 1.05 20.49 -23.90
C ALA A 28 0.50 19.14 -24.36
N GLU A 29 1.36 18.12 -24.43
CA GLU A 29 0.88 16.80 -24.87
C GLU A 29 -0.11 16.21 -23.87
N HIS A 30 0.06 16.49 -22.58
CA HIS A 30 -0.89 16.09 -21.56
C HIS A 30 -1.97 17.13 -21.31
N ASN A 31 -2.02 18.17 -22.16
CA ASN A 31 -3.00 19.25 -22.09
C ASN A 31 -3.02 19.94 -20.72
N ILE A 32 -1.93 19.88 -19.99
CA ILE A 32 -1.77 20.64 -18.75
C ILE A 32 -0.39 21.29 -18.78
N PRO A 33 -0.23 22.51 -18.29
CA PRO A 33 1.07 23.20 -18.41
C PRO A 33 2.16 22.49 -17.62
N VAL A 34 3.40 22.82 -17.96
CA VAL A 34 4.55 22.30 -17.25
C VAL A 34 4.56 22.86 -15.84
N VAL A 35 4.79 21.98 -14.85
CA VAL A 35 4.69 22.33 -13.45
C VAL A 35 5.97 21.92 -12.74
N VAL A 36 6.29 22.62 -11.66
CA VAL A 36 7.45 22.29 -10.84
C VAL A 36 7.07 21.15 -9.90
N SER A 37 7.85 20.07 -9.92
CA SER A 37 7.57 18.89 -9.12
C SER A 37 8.49 18.70 -7.93
N LYS A 38 9.70 19.25 -7.97
CA LYS A 38 10.66 19.09 -6.89
C LYS A 38 11.68 20.21 -6.95
N ILE A 39 11.99 20.77 -5.78
CA ILE A 39 13.02 21.80 -5.64
C ILE A 39 14.09 21.25 -4.71
N SER A 40 15.35 21.36 -5.13
CA SER A 40 16.44 20.70 -4.44
C SER A 40 16.69 21.34 -3.08
N LYS A 41 17.45 20.62 -2.24
CA LYS A 41 17.85 21.15 -0.94
C LYS A 41 18.62 22.46 -1.11
N GLU A 42 19.49 22.53 -2.11
CA GLU A 42 20.28 23.73 -2.35
C GLU A 42 19.38 24.91 -2.72
N GLN A 43 18.53 24.72 -3.74
CA GLN A 43 17.74 25.83 -4.27
C GLN A 43 16.66 26.28 -3.30
N ARG A 44 16.17 25.38 -2.45
CA ARG A 44 15.11 25.74 -1.51
C ARG A 44 15.59 26.76 -0.48
N ALA A 45 16.84 26.63 -0.03
CA ALA A 45 17.39 27.62 0.90
C ALA A 45 17.49 29.00 0.26
N GLU A 46 17.76 29.05 -1.04
CA GLU A 46 17.79 30.32 -1.75
C GLU A 46 16.38 30.85 -2.00
N LEU A 47 15.46 29.96 -2.38
CA LEU A 47 14.12 30.34 -2.83
C LEU A 47 13.07 30.08 -1.76
N SER A 48 13.37 30.42 -0.51
CA SER A 48 12.40 30.24 0.58
C SER A 48 11.30 31.29 0.44
N GLY A 49 10.11 30.85 0.05
CA GLY A 49 8.96 31.72 -0.11
C GLY A 49 8.76 32.28 -1.51
N LEU A 50 9.61 31.93 -2.47
CA LEU A 50 9.53 32.48 -3.82
C LEU A 50 9.00 31.49 -4.84
N LEU A 51 9.40 30.22 -4.78
CA LEU A 51 8.96 29.20 -5.71
C LEU A 51 8.44 28.00 -4.92
N PHE A 52 7.42 27.33 -5.44
CA PHE A 52 6.79 26.22 -4.73
C PHE A 52 6.53 25.07 -5.69
N ILE A 53 6.40 23.88 -5.10
CA ILE A 53 5.95 22.71 -5.85
C ILE A 53 4.49 22.89 -6.22
N GLY A 54 4.18 22.69 -7.49
CA GLY A 54 2.87 23.02 -8.03
C GLY A 54 2.84 24.29 -8.84
N ASP A 55 3.91 25.08 -8.81
CA ASP A 55 4.00 26.27 -9.65
C ASP A 55 4.12 25.86 -11.12
N ALA A 56 3.26 26.44 -11.95
CA ALA A 56 3.35 26.23 -13.39
C ALA A 56 4.25 27.30 -14.01
N ILE A 57 5.11 26.87 -14.93
CA ILE A 57 6.07 27.76 -15.57
C ILE A 57 5.39 28.40 -16.78
N LEU A 58 5.09 29.69 -16.68
CA LEU A 58 4.42 30.41 -17.75
C LEU A 58 5.39 31.04 -18.74
N GLN A 59 6.51 31.57 -18.25
CA GLN A 59 7.51 32.17 -19.12
C GLN A 59 8.90 31.81 -18.61
N ILE A 60 9.83 31.66 -19.56
CA ILE A 60 11.25 31.49 -19.28
C ILE A 60 11.97 32.62 -20.01
N ASN A 61 12.58 33.52 -19.24
CA ASN A 61 13.32 34.67 -19.78
C ASN A 61 12.48 35.44 -20.79
N GLY A 62 11.19 35.61 -20.47
CA GLY A 62 10.29 36.33 -21.33
C GLY A 62 9.71 35.54 -22.48
N ILE A 63 10.07 34.26 -22.63
CA ILE A 63 9.50 33.39 -23.66
C ILE A 63 8.29 32.68 -23.08
N ASN A 64 7.16 32.76 -23.78
CA ASN A 64 5.96 32.08 -23.34
C ASN A 64 6.08 30.58 -23.60
N VAL A 65 6.07 29.79 -22.53
CA VAL A 65 6.15 28.34 -22.62
C VAL A 65 4.85 27.69 -22.14
N ARG A 66 3.76 28.46 -22.08
CA ARG A 66 2.48 27.93 -21.61
C ARG A 66 2.02 26.76 -22.47
N LYS A 67 2.01 26.95 -23.80
CA LYS A 67 1.51 25.96 -24.73
C LYS A 67 2.62 25.08 -25.30
N CYS A 68 3.76 24.99 -24.61
CA CYS A 68 4.88 24.19 -25.06
C CYS A 68 4.86 22.82 -24.40
N ARG A 69 5.32 21.81 -25.15
CA ARG A 69 5.37 20.45 -24.63
C ARG A 69 6.58 20.27 -23.72
N HIS A 70 6.69 19.07 -23.13
CA HIS A 70 7.64 18.85 -22.05
C HIS A 70 9.08 19.11 -22.50
N GLU A 71 9.52 18.40 -23.54
CA GLU A 71 10.92 18.50 -23.97
C GLU A 71 11.27 19.91 -24.42
N GLU A 72 10.31 20.66 -24.98
CA GLU A 72 10.59 22.02 -25.40
C GLU A 72 11.02 22.89 -24.22
N VAL A 73 10.41 22.66 -23.05
CA VAL A 73 10.78 23.45 -21.87
C VAL A 73 12.14 23.03 -21.35
N VAL A 74 12.42 21.72 -21.33
CA VAL A 74 13.69 21.26 -20.80
C VAL A 74 14.84 21.69 -21.68
N GLN A 75 14.60 21.84 -22.99
CA GLN A 75 15.67 22.29 -23.88
C GLN A 75 15.99 23.76 -23.66
N VAL A 76 14.97 24.58 -23.36
CA VAL A 76 15.21 25.99 -23.08
C VAL A 76 16.03 26.14 -21.81
N LEU A 77 15.64 25.41 -20.76
CA LEU A 77 16.37 25.48 -19.50
C LEU A 77 17.74 24.85 -19.59
N ARG A 78 17.90 23.83 -20.44
CA ARG A 78 19.22 23.21 -20.61
C ARG A 78 20.15 24.11 -21.40
N ASN A 79 19.62 24.78 -22.44
CA ASN A 79 20.39 25.72 -23.24
C ASN A 79 20.32 27.14 -22.70
N ALA A 80 20.14 27.30 -21.39
CA ALA A 80 20.05 28.62 -20.77
C ALA A 80 21.38 28.98 -20.13
N GLY A 81 21.39 30.09 -19.40
CA GLY A 81 22.59 30.60 -18.77
C GLY A 81 22.65 30.30 -17.29
N GLU A 82 23.50 31.05 -16.58
CA GLU A 82 23.67 30.85 -15.15
C GLU A 82 22.40 31.19 -14.38
N GLU A 83 21.84 32.36 -14.65
CA GLU A 83 20.58 32.77 -14.05
C GLU A 83 19.45 32.60 -15.07
N VAL A 84 18.27 32.27 -14.55
CA VAL A 84 17.06 32.16 -15.35
C VAL A 84 15.95 32.87 -14.61
N THR A 85 15.10 33.58 -15.36
CA THR A 85 13.94 34.28 -14.82
C THR A 85 12.69 33.54 -15.24
N LEU A 86 11.91 33.09 -14.25
CA LEU A 86 10.67 32.38 -14.51
C LEU A 86 9.48 33.27 -14.18
N THR A 87 8.47 33.21 -15.02
CA THR A 87 7.14 33.72 -14.70
C THR A 87 6.29 32.51 -14.33
N VAL A 88 5.82 32.47 -13.08
CA VAL A 88 5.17 31.29 -12.54
C VAL A 88 3.81 31.67 -11.96
N SER A 89 3.00 30.64 -11.73
CA SER A 89 1.66 30.80 -11.16
C SER A 89 1.31 29.47 -10.50
N PHE A 90 0.79 29.53 -9.28
CA PHE A 90 0.50 28.29 -8.50
C PHE A 90 -0.73 27.59 -9.06
N LEU A 91 -0.66 26.27 -9.20
CA LEU A 91 -1.80 25.50 -9.73
C LEU A 91 -2.44 24.72 -8.58
N LYS A 92 -3.49 25.27 -7.98
CA LYS A 92 -4.22 24.51 -6.93
C LYS A 92 -5.14 23.55 -7.68
N ARG A 93 -4.90 22.24 -7.55
CA ARG A 93 -5.68 21.26 -8.33
C ARG A 93 -7.16 21.30 -7.92
N ALA A 94 -8.06 21.23 -8.91
CA ALA A 94 -9.52 21.23 -8.64
C ALA A 94 -9.83 20.19 -7.57
N PRO A 95 -10.66 20.51 -6.55
CA PRO A 95 -11.00 19.53 -5.55
C PRO A 95 -12.04 18.56 -6.11
N GLY A 96 -12.21 17.42 -5.45
CA GLY A 96 -13.25 16.46 -5.82
C GLY A 96 -14.60 16.93 -5.33
N SER A 97 -15.58 16.03 -5.25
CA SER A 97 -16.84 16.39 -4.64
C SER A 97 -16.68 16.42 -3.12
N ALA A 98 -17.45 17.29 -2.48
CA ALA A 98 -17.55 17.27 -1.02
C ALA A 98 -18.67 16.38 -0.54
N TYR A 99 -19.42 15.76 -1.46
CA TYR A 99 -20.65 15.06 -1.13
C TYR A 99 -20.56 13.57 -1.48
N GLY A 100 -19.34 13.03 -1.50
CA GLY A 100 -19.14 11.61 -1.68
C GLY A 100 -18.90 10.93 -0.35
N SER A 101 -19.23 9.64 -0.29
CA SER A 101 -19.04 8.86 0.92
C SER A 101 -17.65 8.24 1.00
N VAL A 102 -17.05 7.91 -0.14
CA VAL A 102 -15.72 7.31 -0.18
C VAL A 102 -14.69 8.41 -0.38
N LYS A 103 -13.79 8.56 0.58
CA LYS A 103 -12.71 9.53 0.48
C LYS A 103 -11.39 8.80 0.25
N ALA A 104 -10.36 9.58 -0.09
CA ALA A 104 -9.05 9.01 -0.31
C ALA A 104 -8.34 8.80 1.02
N TYR A 105 -7.81 7.59 1.22
CA TYR A 105 -7.04 7.30 2.43
C TYR A 105 -5.79 8.17 2.46
N THR A 106 -5.52 8.78 3.61
CA THR A 106 -4.44 9.77 3.68
C THR A 106 -3.08 9.09 3.64
N ASN A 107 -2.85 8.10 4.50
CA ASN A 107 -1.55 7.43 4.61
C ASN A 107 -1.52 6.21 3.70
N PHE A 108 -1.64 6.49 2.41
CA PHE A 108 -1.89 5.47 1.39
C PHE A 108 -0.57 4.84 0.93
N ASP A 109 -0.51 3.50 1.00
CA ASP A 109 0.63 2.73 0.52
C ASP A 109 0.09 1.64 -0.40
N ALA A 110 0.23 1.85 -1.71
CA ALA A 110 -0.27 0.87 -2.68
C ALA A 110 0.43 -0.48 -2.54
N GLU A 111 1.72 -0.47 -2.19
CA GLU A 111 2.44 -1.73 -2.01
C GLU A 111 1.89 -2.50 -0.81
N ARG A 112 1.63 -1.82 0.30
CA ARG A 112 1.12 -2.50 1.49
C ARG A 112 -0.31 -2.99 1.26
N ASP A 113 -1.13 -2.22 0.54
CA ASP A 113 -2.48 -2.67 0.23
C ASP A 113 -2.48 -3.89 -0.67
N ALA A 114 -1.64 -3.89 -1.71
CA ALA A 114 -1.56 -5.04 -2.59
C ALA A 114 -1.08 -6.28 -1.84
N LEU A 115 -0.09 -6.13 -0.96
CA LEU A 115 0.39 -7.24 -0.15
C LEU A 115 -0.71 -7.77 0.76
N ASN A 116 -1.43 -6.88 1.44
CA ASN A 116 -2.48 -7.32 2.35
C ASN A 116 -3.60 -8.02 1.58
N ILE A 117 -3.91 -7.55 0.37
CA ILE A 117 -4.92 -8.21 -0.45
C ILE A 117 -4.43 -9.56 -0.94
N GLU A 118 -3.17 -9.64 -1.35
CA GLU A 118 -2.60 -10.94 -1.72
C GLU A 118 -2.69 -11.92 -0.58
N THR A 119 -2.39 -11.47 0.64
CA THR A 119 -2.50 -12.34 1.81
C THR A 119 -3.93 -12.79 2.04
N ALA A 120 -4.89 -11.88 1.89
CA ALA A 120 -6.29 -12.24 2.10
C ALA A 120 -6.79 -13.20 1.04
N ILE A 121 -6.35 -13.01 -0.21
CA ILE A 121 -6.77 -13.88 -1.30
C ILE A 121 -6.25 -15.29 -1.10
N LYS A 122 -5.03 -15.42 -0.60
CA LYS A 122 -4.39 -16.71 -0.46
C LYS A 122 -4.62 -17.36 0.89
N THR A 123 -5.31 -16.68 1.80
CA THR A 123 -5.74 -17.32 3.03
C THR A 123 -6.78 -18.39 2.72
N LYS A 124 -6.63 -19.55 3.39
CA LYS A 124 -7.55 -20.65 3.19
C LYS A 124 -8.98 -20.19 3.49
N GLY A 125 -9.84 -20.22 2.47
CA GLY A 125 -11.19 -19.73 2.58
C GLY A 125 -11.39 -18.31 2.11
N VAL A 126 -10.31 -17.58 1.84
CA VAL A 126 -10.32 -16.19 1.39
C VAL A 126 -10.85 -15.27 2.49
N ASP A 127 -10.02 -14.32 2.92
CA ASP A 127 -10.42 -13.31 3.90
C ASP A 127 -11.16 -12.20 3.16
N GLU A 128 -12.48 -12.36 3.02
CA GLU A 128 -13.27 -11.34 2.32
C GLU A 128 -13.29 -10.02 3.09
N VAL A 129 -13.33 -10.09 4.42
CA VAL A 129 -13.48 -8.88 5.23
C VAL A 129 -12.31 -7.94 4.99
N THR A 130 -11.09 -8.46 5.00
CA THR A 130 -9.93 -7.63 4.73
C THR A 130 -10.02 -6.99 3.35
N ILE A 131 -10.43 -7.78 2.35
CA ILE A 131 -10.53 -7.25 0.99
C ILE A 131 -11.56 -6.13 0.93
N VAL A 132 -12.73 -6.36 1.53
CA VAL A 132 -13.77 -5.33 1.53
C VAL A 132 -13.32 -4.10 2.32
N ASN A 133 -12.69 -4.32 3.47
CA ASN A 133 -12.26 -3.19 4.31
C ASN A 133 -11.31 -2.28 3.56
N ILE A 134 -10.37 -2.85 2.80
CA ILE A 134 -9.39 -2.04 2.10
C ILE A 134 -10.04 -1.32 0.92
N LEU A 135 -10.63 -2.08 0.00
CA LEU A 135 -11.07 -1.49 -1.26
C LEU A 135 -12.23 -0.53 -1.09
N THR A 136 -13.06 -0.70 -0.05
CA THR A 136 -14.13 0.28 0.16
C THR A 136 -13.68 1.51 0.94
N ASN A 137 -12.46 1.52 1.48
CA ASN A 137 -11.91 2.72 2.11
C ASN A 137 -10.77 3.31 1.30
N ARG A 138 -10.81 3.15 -0.03
CA ARG A 138 -9.86 3.79 -0.92
C ARG A 138 -10.60 4.46 -2.05
N SER A 139 -10.08 5.58 -2.51
CA SER A 139 -10.62 6.23 -3.68
C SER A 139 -10.37 5.38 -4.92
N ASN A 140 -11.17 5.63 -5.96
CA ASN A 140 -11.04 4.86 -7.20
C ASN A 140 -9.63 4.97 -7.76
N GLU A 141 -9.04 6.16 -7.72
CA GLU A 141 -7.69 6.34 -8.25
C GLU A 141 -6.69 5.52 -7.45
N GLN A 142 -6.88 5.43 -6.13
CA GLN A 142 -5.98 4.64 -5.31
C GLN A 142 -6.11 3.15 -5.62
N ARG A 143 -7.33 2.69 -5.90
CA ARG A 143 -7.51 1.30 -6.29
C ARG A 143 -6.75 0.98 -7.58
N GLN A 144 -6.65 1.96 -8.50
CA GLN A 144 -5.86 1.76 -9.70
C GLN A 144 -4.39 1.57 -9.37
N ASP A 145 -3.87 2.35 -8.42
CA ASP A 145 -2.50 2.15 -7.96
C ASP A 145 -2.34 0.79 -7.30
N ILE A 146 -3.33 0.36 -6.51
CA ILE A 146 -3.27 -0.95 -5.87
C ILE A 146 -3.23 -2.05 -6.93
N ALA A 147 -4.03 -1.91 -7.99
CA ALA A 147 -4.07 -2.94 -9.02
C ALA A 147 -2.76 -3.03 -9.77
N PHE A 148 -2.11 -1.89 -10.03
CA PHE A 148 -0.81 -1.91 -10.67
C PHE A 148 0.23 -2.58 -9.78
N ALA A 149 0.24 -2.21 -8.49
CA ALA A 149 1.19 -2.81 -7.57
C ALA A 149 0.92 -4.29 -7.34
N TYR A 150 -0.36 -4.70 -7.38
CA TYR A 150 -0.68 -6.11 -7.19
C TYR A 150 -0.17 -6.95 -8.36
N GLN A 151 -0.31 -6.42 -9.58
CA GLN A 151 0.11 -7.16 -10.76
C GLN A 151 1.63 -7.35 -10.78
N ARG A 152 2.38 -6.32 -10.37
CA ARG A 152 3.83 -6.47 -10.28
C ARG A 152 4.22 -7.47 -9.21
N ARG A 153 3.48 -7.50 -8.10
CA ARG A 153 3.83 -8.36 -6.98
C ARG A 153 3.51 -9.83 -7.26
N THR A 154 2.44 -10.10 -8.01
CA THR A 154 1.96 -11.47 -8.20
C THR A 154 2.02 -11.98 -9.63
N LYS A 155 2.38 -11.14 -10.61
CA LYS A 155 2.26 -11.46 -12.04
C LYS A 155 0.82 -11.78 -12.44
N LYS A 156 -0.14 -11.31 -11.65
CA LYS A 156 -1.55 -11.62 -11.85
C LYS A 156 -2.36 -10.34 -11.71
N GLU A 157 -3.22 -10.05 -12.68
CA GLU A 157 -4.11 -8.90 -12.58
C GLU A 157 -5.01 -9.02 -11.36
N LEU A 158 -5.23 -7.90 -10.68
CA LEU A 158 -5.99 -7.92 -9.44
C LEU A 158 -7.43 -8.34 -9.69
N ALA A 159 -8.08 -7.72 -10.67
CA ALA A 159 -9.49 -8.05 -10.95
C ALA A 159 -9.64 -9.51 -11.34
N SER A 160 -8.67 -10.05 -12.08
CA SER A 160 -8.71 -11.47 -12.40
C SER A 160 -8.60 -12.33 -11.14
N ALA A 161 -7.72 -11.93 -10.21
CA ALA A 161 -7.56 -12.69 -8.97
C ALA A 161 -8.82 -12.63 -8.12
N LEU A 162 -9.45 -11.46 -8.05
CA LEU A 162 -10.64 -11.33 -7.22
C LEU A 162 -11.87 -11.97 -7.86
N LYS A 163 -11.85 -12.17 -9.18
CA LYS A 163 -12.95 -12.88 -9.81
C LYS A 163 -13.00 -14.34 -9.39
N SER A 164 -11.84 -14.95 -9.15
CA SER A 164 -11.81 -16.33 -8.67
C SER A 164 -11.90 -16.42 -7.15
N ALA A 165 -11.44 -15.38 -6.44
CA ALA A 165 -11.49 -15.42 -4.98
C ALA A 165 -12.87 -15.05 -4.45
N LEU A 166 -13.64 -14.27 -5.20
CA LEU A 166 -14.94 -13.78 -4.75
C LEU A 166 -16.03 -14.31 -5.66
N SER A 167 -17.23 -14.49 -5.09
CA SER A 167 -18.36 -15.01 -5.82
C SER A 167 -19.61 -14.22 -5.44
N GLY A 168 -20.70 -14.49 -6.16
CA GLY A 168 -21.98 -13.87 -5.85
C GLY A 168 -21.96 -12.37 -6.12
N HIS A 169 -22.83 -11.67 -5.39
CA HIS A 169 -22.96 -10.24 -5.59
C HIS A 169 -21.75 -9.48 -5.06
N LEU A 170 -21.05 -10.04 -4.08
CA LEU A 170 -19.83 -9.40 -3.58
C LEU A 170 -18.80 -9.24 -4.69
N GLU A 171 -18.60 -10.29 -5.49
CA GLU A 171 -17.71 -10.20 -6.64
C GLU A 171 -18.12 -9.05 -7.55
N THR A 172 -19.41 -8.93 -7.84
CA THR A 172 -19.89 -7.86 -8.70
C THR A 172 -19.58 -6.48 -8.13
N VAL A 173 -19.68 -6.33 -6.82
CA VAL A 173 -19.38 -5.03 -6.20
C VAL A 173 -17.88 -4.74 -6.30
N ILE A 174 -17.05 -5.70 -5.92
CA ILE A 174 -15.62 -5.47 -5.86
C ILE A 174 -15.04 -5.24 -7.25
N LEU A 175 -15.42 -6.08 -8.22
CA LEU A 175 -14.98 -5.89 -9.59
C LEU A 175 -15.46 -4.55 -10.13
N GLY A 176 -16.66 -4.13 -9.73
CA GLY A 176 -17.16 -2.82 -10.14
C GLY A 176 -16.36 -1.68 -9.55
N LEU A 177 -15.95 -1.81 -8.28
CA LEU A 177 -15.15 -0.76 -7.65
C LEU A 177 -13.76 -0.64 -8.27
N LEU A 178 -13.24 -1.71 -8.85
CA LEU A 178 -11.88 -1.69 -9.39
C LEU A 178 -11.77 -0.99 -10.74
N LYS A 179 -12.87 -0.81 -11.46
CA LYS A 179 -12.83 -0.10 -12.72
C LYS A 179 -12.86 1.41 -12.50
N THR A 180 -12.26 2.14 -13.44
CA THR A 180 -12.39 3.59 -13.43
C THR A 180 -13.86 3.96 -13.68
N PRO A 181 -14.27 5.19 -13.32
CA PRO A 181 -15.66 5.60 -13.59
C PRO A 181 -16.06 5.42 -15.05
N ALA A 182 -15.18 5.78 -15.98
CA ALA A 182 -15.53 5.63 -17.39
C ALA A 182 -15.57 4.16 -17.81
N GLN A 183 -14.65 3.35 -17.29
CA GLN A 183 -14.66 1.93 -17.61
C GLN A 183 -15.91 1.24 -17.07
N TYR A 184 -16.30 1.57 -15.85
CA TYR A 184 -17.48 0.97 -15.24
C TYR A 184 -18.74 1.29 -16.04
N ASP A 185 -18.94 2.57 -16.36
CA ASP A 185 -20.12 2.96 -17.14
C ASP A 185 -20.07 2.37 -18.55
N ALA A 186 -18.89 2.40 -19.18
CA ALA A 186 -18.75 1.80 -20.51
C ALA A 186 -19.13 0.33 -20.48
N SER A 187 -18.65 -0.41 -19.47
CA SER A 187 -18.93 -1.85 -19.42
C SER A 187 -20.38 -2.12 -19.00
N GLU A 188 -20.98 -1.24 -18.19
CA GLU A 188 -22.40 -1.39 -17.88
C GLU A 188 -23.25 -1.13 -19.11
N LEU A 189 -22.88 -0.14 -19.92
CA LEU A 189 -23.59 0.13 -21.16
C LEU A 189 -23.50 -1.05 -22.12
N LYS A 190 -22.29 -1.57 -22.33
CA LYS A 190 -22.13 -2.77 -23.15
C LYS A 190 -23.01 -3.90 -22.66
N ALA A 191 -23.10 -4.07 -21.33
CA ALA A 191 -23.93 -5.13 -20.77
C ALA A 191 -25.42 -4.90 -21.02
N SER A 192 -25.86 -3.63 -21.05
CA SER A 192 -27.27 -3.35 -21.30
C SER A 192 -27.66 -3.59 -22.75
N MET A 193 -26.70 -3.59 -23.67
CA MET A 193 -26.96 -3.84 -25.08
C MET A 193 -26.47 -5.22 -25.53
N LYS A 194 -26.03 -6.05 -24.59
CA LYS A 194 -25.44 -7.35 -24.93
C LYS A 194 -26.50 -8.29 -25.49
N GLY A 195 -26.11 -9.05 -26.52
CA GLY A 195 -26.97 -10.02 -27.18
C GLY A 195 -28.25 -9.39 -27.69
N LEU A 196 -29.25 -10.25 -27.90
CA LEU A 196 -30.57 -9.78 -28.30
C LEU A 196 -31.25 -9.07 -27.14
N GLY A 197 -32.10 -8.10 -27.47
CA GLY A 197 -32.81 -7.36 -26.46
C GLY A 197 -31.93 -6.33 -25.77
N THR A 198 -32.53 -5.43 -25.02
CA THR A 198 -31.80 -4.33 -24.38
C THR A 198 -32.36 -4.10 -22.99
N ASP A 199 -31.48 -3.93 -22.02
CA ASP A 199 -31.87 -3.45 -20.69
C ASP A 199 -32.01 -1.94 -20.77
N GLU A 200 -33.14 -1.51 -21.34
CA GLU A 200 -33.35 -0.08 -21.58
C GLU A 200 -33.27 0.72 -20.30
N ASP A 201 -33.76 0.16 -19.19
CA ASP A 201 -33.70 0.86 -17.91
C ASP A 201 -32.28 1.24 -17.53
N SER A 202 -31.32 0.33 -17.74
CA SER A 202 -29.93 0.63 -17.39
C SER A 202 -29.31 1.60 -18.39
N LEU A 203 -29.60 1.42 -19.68
CA LEU A 203 -29.17 2.39 -20.68
C LEU A 203 -29.72 3.77 -20.38
N ILE A 204 -31.00 3.86 -20.04
CA ILE A 204 -31.63 5.14 -19.72
C ILE A 204 -30.97 5.76 -18.50
N GLU A 205 -30.75 4.94 -17.46
CA GLU A 205 -30.22 5.46 -16.19
C GLU A 205 -28.87 6.12 -16.38
N ILE A 206 -27.99 5.50 -17.16
CA ILE A 206 -26.63 6.01 -17.30
C ILE A 206 -26.60 7.20 -18.25
N ILE A 207 -27.29 7.10 -19.39
CA ILE A 207 -27.24 8.16 -20.38
C ILE A 207 -27.94 9.42 -19.86
N CYS A 208 -29.05 9.25 -19.14
CA CYS A 208 -29.79 10.42 -18.68
C CYS A 208 -29.07 11.13 -17.52
N SER A 209 -28.28 10.40 -16.73
CA SER A 209 -27.76 10.92 -15.48
C SER A 209 -26.34 11.47 -15.58
N ARG A 210 -25.58 11.10 -16.61
CA ARG A 210 -24.17 11.48 -16.70
C ARG A 210 -24.02 12.86 -17.34
N THR A 211 -22.98 13.58 -16.91
CA THR A 211 -22.72 14.93 -17.38
C THR A 211 -21.91 14.93 -18.66
N ASN A 212 -21.67 16.13 -19.20
CA ASN A 212 -20.91 16.28 -20.44
C ASN A 212 -19.52 15.67 -20.32
N GLN A 213 -18.78 16.06 -19.28
CA GLN A 213 -17.43 15.54 -19.10
C GLN A 213 -17.43 14.02 -18.93
N GLU A 214 -18.38 13.50 -18.15
CA GLU A 214 -18.43 12.06 -17.91
C GLU A 214 -18.76 11.30 -19.20
N LEU A 215 -19.71 11.81 -19.98
CA LEU A 215 -20.04 11.16 -21.24
C LEU A 215 -18.90 11.27 -22.25
N GLN A 216 -18.13 12.36 -22.20
CA GLN A 216 -16.95 12.49 -23.06
C GLN A 216 -15.96 11.36 -22.80
N GLU A 217 -15.64 11.13 -21.53
CA GLU A 217 -14.71 10.06 -21.19
C GLU A 217 -15.30 8.69 -21.48
N ILE A 218 -16.61 8.53 -21.32
CA ILE A 218 -17.25 7.25 -21.61
C ILE A 218 -17.16 6.93 -23.09
N ASN A 219 -17.39 7.92 -23.95
CA ASN A 219 -17.33 7.69 -25.40
C ASN A 219 -15.92 7.31 -25.83
N ARG A 220 -14.90 7.89 -25.20
CA ARG A 220 -13.52 7.53 -25.53
C ARG A 220 -13.21 6.11 -25.04
N VAL A 221 -13.49 5.84 -23.76
CA VAL A 221 -13.13 4.55 -23.18
C VAL A 221 -13.96 3.43 -23.79
N TYR A 222 -15.19 3.72 -24.21
CA TYR A 222 -16.00 2.70 -24.87
C TYR A 222 -15.34 2.22 -26.15
N LYS A 223 -14.88 3.17 -26.98
CA LYS A 223 -14.25 2.81 -28.25
C LYS A 223 -12.94 2.06 -28.03
N GLU A 224 -12.20 2.38 -26.96
CA GLU A 224 -10.95 1.67 -26.71
C GLU A 224 -11.22 0.24 -26.26
N MET A 225 -12.25 0.02 -25.45
CA MET A 225 -12.51 -1.31 -24.90
C MET A 225 -13.14 -2.23 -25.95
N TYR A 226 -14.13 -1.72 -26.68
CA TYR A 226 -14.96 -2.56 -27.54
C TYR A 226 -14.75 -2.31 -29.03
N LYS A 227 -13.81 -1.44 -29.40
CA LYS A 227 -13.43 -1.20 -30.80
C LYS A 227 -14.61 -0.75 -31.67
N THR A 228 -15.68 -0.27 -31.04
CA THR A 228 -16.82 0.29 -31.74
C THR A 228 -17.27 1.53 -30.99
N ASP A 229 -17.90 2.44 -31.72
CA ASP A 229 -18.41 3.66 -31.11
C ASP A 229 -19.68 3.37 -30.31
N LEU A 230 -19.79 4.01 -29.15
CA LEU A 230 -20.98 3.84 -28.33
C LEU A 230 -22.24 4.23 -29.09
N GLU A 231 -22.15 5.29 -29.90
CA GLU A 231 -23.31 5.73 -30.65
C GLU A 231 -23.81 4.64 -31.59
N LYS A 232 -22.89 3.87 -32.18
CA LYS A 232 -23.29 2.84 -33.14
C LYS A 232 -24.00 1.68 -32.46
N ASP A 233 -23.58 1.32 -31.24
CA ASP A 233 -24.28 0.27 -30.50
C ASP A 233 -25.65 0.75 -30.02
N ILE A 234 -25.75 2.02 -29.63
CA ILE A 234 -27.06 2.57 -29.28
C ILE A 234 -27.99 2.53 -30.47
N ILE A 235 -27.49 2.88 -31.66
CA ILE A 235 -28.31 2.87 -32.87
C ILE A 235 -28.79 1.46 -33.18
N SER A 236 -27.96 0.46 -32.93
CA SER A 236 -28.32 -0.91 -33.28
C SER A 236 -29.26 -1.55 -32.25
N ASP A 237 -29.37 -0.98 -31.05
CA ASP A 237 -30.19 -1.56 -29.99
C ASP A 237 -31.42 -0.72 -29.66
N THR A 238 -31.59 0.44 -30.27
CA THR A 238 -32.74 1.30 -30.01
C THR A 238 -33.39 1.67 -31.33
N SER A 239 -34.61 2.22 -31.26
CA SER A 239 -35.38 2.54 -32.45
C SER A 239 -36.26 3.75 -32.19
N GLY A 240 -36.75 4.34 -33.28
CA GLY A 240 -37.67 5.45 -33.24
C GLY A 240 -37.11 6.67 -32.52
N ASP A 241 -38.03 7.44 -31.94
CA ASP A 241 -37.65 8.65 -31.22
C ASP A 241 -36.85 8.32 -29.96
N PHE A 242 -37.08 7.16 -29.36
CA PHE A 242 -36.26 6.71 -28.24
C PHE A 242 -34.79 6.70 -28.62
N ARG A 243 -34.48 6.18 -29.81
CA ARG A 243 -33.10 6.19 -30.29
C ARG A 243 -32.56 7.60 -30.42
N LYS A 244 -33.35 8.51 -31.01
CA LYS A 244 -32.89 9.87 -31.24
C LYS A 244 -32.54 10.57 -29.93
N LEU A 245 -33.38 10.39 -28.92
CA LEU A 245 -33.12 11.00 -27.61
C LEU A 245 -31.83 10.46 -27.01
N MET A 246 -31.67 9.12 -27.02
CA MET A 246 -30.48 8.52 -26.43
C MET A 246 -29.22 8.92 -27.18
N VAL A 247 -29.29 8.96 -28.52
CA VAL A 247 -28.13 9.39 -29.31
C VAL A 247 -27.78 10.83 -28.99
N ALA A 248 -28.79 11.69 -28.86
CA ALA A 248 -28.54 13.10 -28.57
C ALA A 248 -27.87 13.27 -27.22
N LEU A 249 -28.38 12.59 -26.19
CA LEU A 249 -27.81 12.72 -24.85
C LEU A 249 -26.40 12.16 -24.80
N ALA A 250 -26.16 11.01 -25.44
CA ALA A 250 -24.87 10.33 -25.34
C ALA A 250 -23.74 11.15 -25.95
N LYS A 251 -24.05 12.10 -26.83
CA LYS A 251 -23.01 12.96 -27.39
C LYS A 251 -22.35 13.84 -26.33
N GLY A 252 -23.02 14.09 -25.21
CA GLY A 252 -22.46 14.92 -24.17
C GLY A 252 -22.07 16.30 -24.64
N ARG A 253 -22.91 16.94 -25.45
CA ARG A 253 -22.67 18.29 -25.95
C ARG A 253 -23.75 19.26 -25.49
N ARG A 254 -24.32 19.02 -24.31
CA ARG A 254 -25.27 19.95 -23.73
C ARG A 254 -24.58 21.28 -23.44
N ALA A 255 -25.32 22.38 -23.59
CA ALA A 255 -24.77 23.69 -23.30
C ALA A 255 -24.32 23.76 -21.84
N GLU A 256 -23.14 24.34 -21.64
CA GLU A 256 -22.61 24.52 -20.30
C GLU A 256 -23.34 25.64 -19.58
N ASP A 257 -23.30 25.59 -18.25
CA ASP A 257 -24.05 26.54 -17.42
C ASP A 257 -23.64 27.96 -17.73
N GLY A 258 -24.59 28.75 -18.23
CA GLY A 258 -24.33 30.15 -18.49
C GLY A 258 -24.18 30.96 -17.23
N SER A 259 -23.55 32.12 -17.38
CA SER A 259 -23.38 33.01 -16.22
C SER A 259 -24.63 33.81 -15.96
N VAL A 260 -25.33 34.22 -17.01
CA VAL A 260 -26.54 35.01 -16.86
C VAL A 260 -27.75 34.10 -17.05
N ILE A 261 -28.83 34.44 -16.34
CA ILE A 261 -30.10 33.74 -16.45
C ILE A 261 -30.90 34.38 -17.57
N ASP A 262 -31.32 33.57 -18.54
CA ASP A 262 -32.06 34.07 -19.70
C ASP A 262 -33.54 33.88 -19.42
N TYR A 263 -34.14 34.85 -18.73
CA TYR A 263 -35.55 34.73 -18.35
C TYR A 263 -36.47 34.69 -19.57
N GLU A 264 -36.10 35.40 -20.64
CA GLU A 264 -36.91 35.39 -21.85
C GLU A 264 -36.88 34.02 -22.51
N LEU A 265 -35.71 33.38 -22.53
CA LEU A 265 -35.62 32.05 -23.14
C LEU A 265 -36.27 30.99 -22.26
N ILE A 266 -36.20 31.16 -20.94
CA ILE A 266 -36.91 30.26 -20.03
C ILE A 266 -38.40 30.25 -20.35
N ASP A 267 -38.98 31.44 -20.55
CA ASP A 267 -40.40 31.52 -20.87
C ASP A 267 -40.70 30.92 -22.23
N GLN A 268 -39.88 31.22 -23.24
CA GLN A 268 -40.14 30.72 -24.58
C GLN A 268 -39.98 29.21 -24.65
N ASP A 269 -38.97 28.66 -23.96
CA ASP A 269 -38.83 27.22 -23.90
C ASP A 269 -40.02 26.57 -23.20
N ALA A 270 -40.52 27.21 -22.13
CA ALA A 270 -41.69 26.68 -21.43
C ALA A 270 -42.90 26.61 -22.35
N ARG A 271 -43.14 27.66 -23.13
CA ARG A 271 -44.28 27.66 -24.04
C ARG A 271 -44.10 26.65 -25.16
N ASP A 272 -42.89 26.57 -25.72
CA ASP A 272 -42.65 25.61 -26.79
C ASP A 272 -42.86 24.18 -26.30
N LEU A 273 -42.45 23.89 -25.06
CA LEU A 273 -42.72 22.57 -24.49
C LEU A 273 -44.21 22.32 -24.35
N TYR A 274 -44.97 23.34 -23.93
CA TYR A 274 -46.41 23.21 -23.83
C TYR A 274 -47.05 23.10 -25.21
N ASP A 275 -46.67 23.99 -26.13
CA ASP A 275 -47.24 23.97 -27.47
C ASP A 275 -46.96 22.66 -28.19
N ALA A 276 -45.85 21.99 -27.86
CA ALA A 276 -45.49 20.75 -28.54
C ALA A 276 -46.19 19.54 -27.98
N GLY A 277 -46.80 19.63 -26.79
CA GLY A 277 -47.37 18.47 -26.16
C GLY A 277 -48.82 18.61 -25.74
N VAL A 278 -49.05 19.08 -24.53
CA VAL A 278 -50.40 19.06 -23.95
C VAL A 278 -51.35 19.93 -24.76
N LYS A 279 -50.86 21.05 -25.30
CA LYS A 279 -51.74 22.00 -25.98
C LYS A 279 -52.24 21.47 -27.32
N ARG A 280 -51.59 20.47 -27.90
CA ARG A 280 -51.97 19.96 -29.22
C ARG A 280 -52.33 18.49 -29.14
N LYS A 281 -52.92 18.00 -30.23
CA LYS A 281 -53.13 16.57 -30.42
C LYS A 281 -51.84 15.94 -30.92
N GLY A 282 -51.47 14.81 -30.34
CA GLY A 282 -50.16 14.25 -30.57
C GLY A 282 -49.07 15.07 -29.91
N THR A 283 -47.84 14.79 -30.31
CA THR A 283 -46.68 15.43 -29.69
C THR A 283 -45.62 15.73 -30.73
N ASP A 284 -45.00 16.91 -30.61
CA ASP A 284 -43.83 17.26 -31.41
C ASP A 284 -42.59 16.82 -30.64
N VAL A 285 -42.29 15.52 -30.75
CA VAL A 285 -41.18 14.95 -29.99
C VAL A 285 -39.84 15.59 -30.33
N PRO A 286 -39.52 15.91 -31.59
CA PRO A 286 -38.23 16.59 -31.85
C PRO A 286 -38.04 17.90 -31.10
N LYS A 287 -39.12 18.66 -30.90
CA LYS A 287 -39.01 19.89 -30.11
C LYS A 287 -38.64 19.57 -28.66
N TRP A 288 -39.35 18.60 -28.06
CA TRP A 288 -39.02 18.17 -26.71
C TRP A 288 -37.57 17.72 -26.60
N ILE A 289 -37.09 16.96 -27.59
CA ILE A 289 -35.72 16.46 -27.55
C ILE A 289 -34.72 17.60 -27.65
N SER A 290 -34.96 18.55 -28.55
CA SER A 290 -34.03 19.65 -28.75
C SER A 290 -33.85 20.47 -27.48
N ILE A 291 -34.96 20.87 -26.85
CA ILE A 291 -34.89 21.73 -25.68
C ILE A 291 -34.28 20.98 -24.49
N MET A 292 -34.66 19.72 -24.31
CA MET A 292 -34.23 19.01 -23.11
C MET A 292 -32.84 18.41 -23.21
N THR A 293 -32.23 18.36 -24.41
CA THR A 293 -30.87 17.89 -24.53
C THR A 293 -29.86 19.01 -24.78
N GLU A 294 -30.29 20.16 -25.27
CA GLU A 294 -29.37 21.22 -25.64
C GLU A 294 -29.25 22.30 -24.57
N ARG A 295 -30.33 22.62 -23.86
CA ARG A 295 -30.27 23.67 -22.86
C ARG A 295 -29.48 23.21 -21.64
N SER A 296 -28.89 24.17 -20.93
CA SER A 296 -28.16 23.84 -19.73
C SER A 296 -29.11 23.34 -18.64
N VAL A 297 -28.55 22.62 -17.67
CA VAL A 297 -29.36 22.05 -16.59
C VAL A 297 -29.98 23.14 -15.72
N PRO A 298 -29.24 24.15 -15.22
CA PRO A 298 -29.92 25.21 -14.44
C PRO A 298 -31.03 25.89 -15.21
N HIS A 299 -30.86 26.05 -16.52
CA HIS A 299 -31.88 26.67 -17.34
C HIS A 299 -33.14 25.81 -17.39
N LEU A 300 -32.99 24.53 -17.71
CA LEU A 300 -34.15 23.65 -17.80
C LEU A 300 -34.87 23.52 -16.46
N GLN A 301 -34.14 23.63 -15.35
CA GLN A 301 -34.78 23.63 -14.05
C GLN A 301 -35.80 24.76 -13.94
N LYS A 302 -35.41 25.96 -14.39
CA LYS A 302 -36.34 27.08 -14.39
C LYS A 302 -37.39 26.95 -15.49
N VAL A 303 -37.04 26.32 -16.61
CA VAL A 303 -38.01 26.09 -17.68
C VAL A 303 -39.13 25.19 -17.19
N PHE A 304 -38.80 24.17 -16.41
CA PHE A 304 -39.82 23.23 -15.96
C PHE A 304 -40.76 23.87 -14.94
N ASP A 305 -40.27 24.82 -14.14
CA ASP A 305 -41.16 25.56 -13.23
CA ASP A 305 -41.18 25.53 -13.24
C ASP A 305 -42.05 26.53 -14.00
N ARG A 306 -41.46 27.27 -14.94
CA ARG A 306 -42.26 28.19 -15.74
C ARG A 306 -43.28 27.43 -16.58
N TYR A 307 -42.95 26.20 -16.98
CA TYR A 307 -43.89 25.36 -17.71
C TYR A 307 -45.18 25.16 -16.93
N LYS A 308 -45.09 25.05 -15.60
CA LYS A 308 -46.27 24.87 -14.77
C LYS A 308 -47.20 26.08 -14.82
N SER A 309 -46.70 27.23 -15.26
CA SER A 309 -47.57 28.40 -15.37
C SER A 309 -48.48 28.31 -16.58
N TYR A 310 -48.07 27.59 -17.63
CA TYR A 310 -48.87 27.44 -18.83
C TYR A 310 -49.64 26.13 -18.89
N SER A 311 -49.19 25.10 -18.17
CA SER A 311 -49.76 23.78 -18.31
C SER A 311 -50.47 23.37 -17.03
N PRO A 312 -51.63 22.71 -17.14
CA PRO A 312 -52.28 22.18 -15.94
C PRO A 312 -51.49 21.07 -15.27
N TYR A 313 -50.65 20.35 -16.01
CA TYR A 313 -49.82 19.28 -15.48
C TYR A 313 -48.35 19.69 -15.53
N ASP A 314 -47.57 19.21 -14.57
CA ASP A 314 -46.15 19.49 -14.59
C ASP A 314 -45.48 18.68 -15.70
N MET A 315 -44.16 18.87 -15.85
CA MET A 315 -43.45 18.25 -16.96
C MET A 315 -43.55 16.73 -16.91
N LEU A 316 -43.45 16.15 -15.71
CA LEU A 316 -43.47 14.70 -15.58
C LEU A 316 -44.84 14.13 -15.91
N GLU A 317 -45.91 14.71 -15.36
CA GLU A 317 -47.25 14.25 -15.70
C GLU A 317 -47.54 14.47 -17.18
N SER A 318 -47.05 15.58 -17.74
CA SER A 318 -47.20 15.82 -19.17
C SER A 318 -46.55 14.71 -19.99
N ILE A 319 -45.34 14.32 -19.61
CA ILE A 319 -44.63 13.25 -20.32
C ILE A 319 -45.45 11.96 -20.28
N ARG A 320 -45.97 11.61 -19.11
CA ARG A 320 -46.76 10.39 -18.99
C ARG A 320 -47.98 10.43 -19.92
N LYS A 321 -48.64 11.57 -20.03
CA LYS A 321 -49.84 11.66 -20.85
C LYS A 321 -49.52 11.74 -22.34
N GLU A 322 -48.34 12.25 -22.70
CA GLU A 322 -48.07 12.54 -24.11
C GLU A 322 -47.35 11.40 -24.83
N VAL A 323 -46.49 10.65 -24.14
CA VAL A 323 -45.70 9.60 -24.75
C VAL A 323 -45.82 8.32 -23.92
N LYS A 324 -45.36 7.22 -24.51
CA LYS A 324 -45.49 5.90 -23.91
C LYS A 324 -44.17 5.14 -24.05
N GLY A 325 -44.13 3.95 -23.44
CA GLY A 325 -43.04 3.02 -23.59
C GLY A 325 -41.67 3.56 -23.20
N ASP A 326 -40.65 3.11 -23.94
CA ASP A 326 -39.27 3.47 -23.64
C ASP A 326 -39.06 4.97 -23.76
N LEU A 327 -39.69 5.60 -24.77
CA LEU A 327 -39.58 7.05 -24.91
C LEU A 327 -40.09 7.77 -23.67
N GLU A 328 -41.25 7.34 -23.15
CA GLU A 328 -41.76 7.92 -21.92
C GLU A 328 -40.79 7.73 -20.77
N ASN A 329 -40.28 6.51 -20.61
CA ASN A 329 -39.38 6.23 -19.50
C ASN A 329 -38.11 7.07 -19.58
N ALA A 330 -37.56 7.22 -20.79
CA ALA A 330 -36.36 8.02 -20.96
C ALA A 330 -36.61 9.48 -20.54
N PHE A 331 -37.67 10.08 -21.06
CA PHE A 331 -38.00 11.46 -20.69
C PHE A 331 -38.21 11.60 -19.19
N LEU A 332 -38.89 10.64 -18.57
CA LEU A 332 -39.14 10.71 -17.13
C LEU A 332 -37.85 10.68 -16.33
N ASN A 333 -36.90 9.83 -16.73
CA ASN A 333 -35.61 9.78 -16.04
C ASN A 333 -34.82 11.06 -16.26
N LEU A 334 -34.81 11.57 -17.50
CA LEU A 334 -34.02 12.76 -17.80
C LEU A 334 -34.48 13.96 -17.00
N VAL A 335 -35.80 14.17 -16.91
CA VAL A 335 -36.33 15.32 -16.20
C VAL A 335 -36.03 15.22 -14.71
N GLN A 336 -36.14 14.01 -14.14
CA GLN A 336 -35.76 13.82 -12.74
C GLN A 336 -34.28 14.15 -12.53
N CYS A 337 -33.42 13.74 -13.46
CA CYS A 337 -31.98 14.01 -13.32
C CYS A 337 -31.71 15.50 -13.40
N ILE A 338 -32.46 16.22 -14.24
CA ILE A 338 -32.33 17.66 -14.31
C ILE A 338 -32.86 18.32 -13.05
N GLN A 339 -34.00 17.86 -12.55
CA GLN A 339 -34.66 18.54 -11.44
C GLN A 339 -33.94 18.28 -10.11
N ASN A 340 -33.65 17.01 -9.82
CA ASN A 340 -32.95 16.66 -8.58
C ASN A 340 -32.32 15.28 -8.80
N LYS A 341 -31.03 15.26 -9.15
CA LYS A 341 -30.37 14.00 -9.45
C LYS A 341 -30.14 13.16 -8.18
N PRO A 342 -29.74 13.75 -7.04
CA PRO A 342 -29.69 12.94 -5.81
C PRO A 342 -31.03 12.29 -5.48
N LEU A 343 -32.13 13.03 -5.61
CA LEU A 343 -33.44 12.44 -5.34
C LEU A 343 -33.78 11.35 -6.35
N TYR A 344 -33.38 11.56 -7.62
CA TYR A 344 -33.53 10.53 -8.65
C TYR A 344 -32.90 9.21 -8.21
N PHE A 345 -31.65 9.26 -7.77
CA PHE A 345 -30.97 8.03 -7.37
C PHE A 345 -31.56 7.46 -6.08
N ALA A 346 -31.96 8.33 -5.15
CA ALA A 346 -32.62 7.87 -3.93
C ALA A 346 -33.87 7.06 -4.26
N ASP A 347 -34.67 7.52 -5.23
CA ASP A 347 -35.88 6.79 -5.61
C ASP A 347 -35.53 5.48 -6.31
N ARG A 348 -34.49 5.46 -7.14
CA ARG A 348 -34.13 4.23 -7.82
C ARG A 348 -33.58 3.20 -6.83
N LEU A 349 -32.86 3.66 -5.81
CA LEU A 349 -32.42 2.77 -4.74
C LEU A 349 -33.61 2.18 -4.02
N TYR A 350 -34.58 3.02 -3.62
CA TYR A 350 -35.79 2.53 -2.98
C TYR A 350 -36.49 1.51 -3.86
N ASP A 351 -36.64 1.80 -5.15
CA ASP A 351 -37.33 0.90 -6.06
C ASP A 351 -36.65 -0.46 -6.12
N SER A 352 -35.32 -0.49 -6.08
CA SER A 352 -34.60 -1.75 -6.20
C SER A 352 -34.67 -2.61 -4.94
N MET A 353 -35.18 -2.07 -3.83
CA MET A 353 -35.23 -2.81 -2.58
C MET A 353 -36.62 -2.94 -1.98
N LYS A 354 -37.56 -2.08 -2.36
CA LYS A 354 -38.85 -2.00 -1.65
C LYS A 354 -39.58 -3.34 -1.64
N GLY A 355 -39.57 -4.06 -2.76
CA GLY A 355 -40.41 -5.23 -2.95
C GLY A 355 -39.67 -6.54 -2.71
N LYS A 356 -40.23 -7.61 -3.28
CA LYS A 356 -39.66 -8.95 -3.13
C LYS A 356 -38.24 -8.99 -3.66
N GLY A 357 -37.32 -9.51 -2.86
CA GLY A 357 -35.95 -9.58 -3.34
C GLY A 357 -35.33 -8.22 -3.59
N THR A 358 -34.30 -8.22 -4.44
CA THR A 358 -33.52 -7.02 -4.70
C THR A 358 -33.14 -6.97 -6.17
N ARG A 359 -33.26 -5.78 -6.77
CA ARG A 359 -32.66 -5.53 -8.07
C ARG A 359 -31.20 -5.12 -7.82
N ASP A 360 -30.38 -6.14 -7.54
CA ASP A 360 -28.99 -5.92 -7.17
C ASP A 360 -28.23 -5.17 -8.26
N LYS A 361 -28.57 -5.40 -9.52
CA LYS A 361 -27.90 -4.72 -10.63
C LYS A 361 -27.99 -3.20 -10.48
N VAL A 362 -29.18 -2.70 -10.15
CA VAL A 362 -29.33 -1.25 -9.97
C VAL A 362 -28.72 -0.80 -8.66
N LEU A 363 -28.90 -1.60 -7.60
CA LEU A 363 -28.35 -1.25 -6.30
C LEU A 363 -26.83 -1.16 -6.35
N ILE A 364 -26.18 -2.18 -6.91
CA ILE A 364 -24.72 -2.20 -6.97
C ILE A 364 -24.21 -1.05 -7.83
N ARG A 365 -24.84 -0.83 -8.99
CA ARG A 365 -24.35 0.20 -9.91
C ARG A 365 -24.41 1.59 -9.28
N ILE A 366 -25.49 1.90 -8.57
CA ILE A 366 -25.63 3.23 -7.99
C ILE A 366 -24.67 3.41 -6.83
N MET A 367 -24.53 2.40 -5.96
CA MET A 367 -23.63 2.52 -4.82
C MET A 367 -22.18 2.64 -5.26
N VAL A 368 -21.82 2.02 -6.38
CA VAL A 368 -20.46 2.11 -6.89
C VAL A 368 -20.24 3.45 -7.57
N SER A 369 -21.13 3.81 -8.51
CA SER A 369 -20.89 4.95 -9.38
C SER A 369 -21.10 6.29 -8.68
N ARG A 370 -21.90 6.34 -7.60
CA ARG A 370 -22.16 7.59 -6.91
C ARG A 370 -21.39 7.73 -5.60
N SER A 371 -20.57 6.73 -5.25
CA SER A 371 -19.88 6.74 -3.96
C SER A 371 -18.94 7.94 -3.83
N GLU A 372 -18.37 8.41 -4.93
CA GLU A 372 -17.48 9.56 -4.90
C GLU A 372 -18.09 10.81 -5.54
N VAL A 373 -19.40 10.82 -5.78
CA VAL A 373 -20.05 11.97 -6.41
C VAL A 373 -21.01 12.65 -5.44
N ASP A 374 -22.19 12.04 -5.20
CA ASP A 374 -23.21 12.71 -4.42
C ASP A 374 -23.92 11.77 -3.45
N MET A 375 -23.21 10.76 -2.92
CA MET A 375 -23.85 9.79 -2.05
C MET A 375 -24.40 10.44 -0.79
N LEU A 376 -23.76 11.50 -0.30
CA LEU A 376 -24.25 12.17 0.90
C LEU A 376 -25.56 12.91 0.63
N LYS A 377 -25.72 13.45 -0.58
CA LYS A 377 -27.01 14.06 -0.93
C LYS A 377 -28.08 13.01 -1.15
N ILE A 378 -27.72 11.89 -1.81
CA ILE A 378 -28.66 10.78 -2.00
C ILE A 378 -29.19 10.30 -0.66
N ARG A 379 -28.29 10.08 0.30
CA ARG A 379 -28.70 9.66 1.63
C ARG A 379 -29.64 10.67 2.28
N SER A 380 -29.33 11.96 2.14
CA SER A 380 -30.16 13.00 2.72
C SER A 380 -31.57 12.98 2.14
N GLU A 381 -31.69 12.98 0.81
CA GLU A 381 -32.99 12.90 0.17
C GLU A 381 -33.73 11.61 0.53
N PHE A 382 -32.98 10.51 0.66
CA PHE A 382 -33.61 9.23 0.98
C PHE A 382 -34.23 9.26 2.36
N LYS A 383 -33.45 9.66 3.37
CA LYS A 383 -33.98 9.75 4.73
C LYS A 383 -35.11 10.77 4.83
N ARG A 384 -35.05 11.85 4.05
CA ARG A 384 -36.10 12.87 4.11
C ARG A 384 -37.42 12.32 3.58
N LYS A 385 -37.38 11.58 2.47
CA LYS A 385 -38.59 11.08 1.82
C LYS A 385 -39.12 9.80 2.44
N TYR A 386 -38.25 8.87 2.80
CA TYR A 386 -38.69 7.54 3.22
C TYR A 386 -38.66 7.37 4.74
N GLY A 387 -38.22 8.37 5.50
CA GLY A 387 -38.26 8.32 6.94
C GLY A 387 -37.27 7.38 7.60
N LYS A 388 -36.61 6.52 6.82
CA LYS A 388 -35.55 5.68 7.33
C LYS A 388 -34.35 5.81 6.41
N SER A 389 -33.18 5.47 6.93
CA SER A 389 -31.94 5.70 6.20
C SER A 389 -31.76 4.70 5.06
N LEU A 390 -30.99 5.11 4.05
CA LEU A 390 -30.55 4.18 3.01
C LEU A 390 -29.78 3.02 3.64
N TYR A 391 -28.97 3.31 4.65
CA TYR A 391 -28.27 2.29 5.42
C TYR A 391 -29.23 1.20 5.91
N TYR A 392 -30.36 1.62 6.48
CA TYR A 392 -31.35 0.68 7.01
C TYR A 392 -31.86 -0.25 5.91
N TYR A 393 -32.21 0.31 4.75
CA TYR A 393 -32.80 -0.50 3.69
C TYR A 393 -31.81 -1.52 3.15
N ILE A 394 -30.55 -1.11 2.98
CA ILE A 394 -29.52 -2.04 2.53
C ILE A 394 -29.39 -3.20 3.51
N GLN A 395 -29.50 -2.91 4.81
CA GLN A 395 -29.40 -3.96 5.82
C GLN A 395 -30.52 -4.99 5.66
N GLN A 396 -31.74 -4.53 5.42
CA GLN A 396 -32.88 -5.43 5.37
C GLN A 396 -32.92 -6.24 4.08
N ASP A 397 -32.24 -5.79 3.04
CA ASP A 397 -32.35 -6.42 1.72
C ASP A 397 -31.12 -7.25 1.34
N THR A 398 -29.97 -7.03 1.98
CA THR A 398 -28.76 -7.76 1.68
C THR A 398 -28.16 -8.29 2.98
N LYS A 399 -27.27 -9.28 2.84
CA LYS A 399 -26.64 -9.94 3.98
C LYS A 399 -25.17 -10.20 3.66
N GLY A 400 -24.46 -10.78 4.64
CA GLY A 400 -23.08 -11.22 4.46
C GLY A 400 -22.09 -10.10 4.18
N ASP A 401 -20.96 -10.49 3.58
CA ASP A 401 -19.94 -9.53 3.18
C ASP A 401 -20.44 -8.60 2.09
N TYR A 402 -21.33 -9.11 1.23
CA TYR A 402 -22.00 -8.26 0.24
C TYR A 402 -22.67 -7.08 0.92
N GLN A 403 -23.38 -7.32 2.02
CA GLN A 403 -24.05 -6.25 2.74
C GLN A 403 -23.04 -5.26 3.32
N LYS A 404 -21.97 -5.76 3.94
CA LYS A 404 -20.97 -4.87 4.53
C LYS A 404 -20.34 -3.98 3.48
N ALA A 405 -20.05 -4.55 2.29
CA ALA A 405 -19.49 -3.75 1.20
C ALA A 405 -20.40 -2.58 0.86
N LEU A 406 -21.70 -2.83 0.67
CA LEU A 406 -22.63 -1.77 0.30
C LEU A 406 -22.76 -0.74 1.42
N LEU A 407 -22.78 -1.19 2.67
CA LEU A 407 -22.87 -0.26 3.80
C LEU A 407 -21.67 0.68 3.85
N TYR A 408 -20.49 0.18 3.47
CA TYR A 408 -19.31 1.02 3.41
C TYR A 408 -19.44 2.08 2.31
N LEU A 409 -19.92 1.69 1.13
CA LEU A 409 -20.15 2.65 0.07
C LEU A 409 -21.22 3.65 0.45
N CYS A 410 -22.17 3.24 1.30
CA CYS A 410 -23.16 4.18 1.83
C CYS A 410 -22.48 5.22 2.71
N GLY A 411 -21.62 4.77 3.63
CA GLY A 411 -20.83 5.65 4.44
C GLY A 411 -21.28 5.75 5.89
N GLY A 412 -22.53 5.43 6.18
CA GLY A 412 -23.00 5.45 7.54
C GLY A 412 -24.50 5.61 7.62
N ASP A 413 -25.00 5.53 8.85
CA ASP A 413 -26.44 5.64 9.09
C ASP A 413 -26.85 7.10 9.17
N ASP A 414 -28.13 7.35 8.91
CA ASP A 414 -28.67 8.71 8.98
C ASP A 414 -29.89 8.78 9.90
N GLY B 6 12.21 -14.64 -11.70
CA GLY B 6 12.07 -15.31 -12.99
C GLY B 6 12.92 -16.55 -13.13
N GLU B 7 13.18 -16.95 -14.36
CA GLU B 7 13.98 -18.14 -14.65
C GLU B 7 15.43 -17.76 -14.92
N ARG B 8 16.33 -18.65 -14.50
CA ARG B 8 17.75 -18.49 -14.72
C ARG B 8 18.37 -19.84 -15.07
N THR B 9 19.48 -19.79 -15.79
CA THR B 9 20.21 -20.99 -16.16
C THR B 9 21.56 -21.00 -15.45
N VAL B 10 21.92 -22.14 -14.89
CA VAL B 10 23.13 -22.28 -14.08
C VAL B 10 23.95 -23.43 -14.63
N THR B 11 25.12 -23.13 -15.16
CA THR B 11 26.05 -24.17 -15.64
C THR B 11 27.04 -24.50 -14.53
N ILE B 12 27.10 -25.78 -14.15
CA ILE B 12 28.02 -26.25 -13.13
C ILE B 12 29.00 -27.23 -13.76
N ARG B 13 30.20 -27.29 -13.20
CA ARG B 13 31.26 -28.17 -13.68
C ARG B 13 31.63 -29.17 -12.59
N ARG B 14 31.82 -30.42 -12.99
CA ARG B 14 32.10 -31.49 -12.04
C ARG B 14 33.51 -31.35 -11.49
N GLN B 15 33.63 -31.28 -10.16
CA GLN B 15 34.92 -31.21 -9.48
C GLN B 15 35.50 -32.60 -9.31
N THR B 16 36.82 -32.71 -9.43
CA THR B 16 37.48 -33.98 -9.18
C THR B 16 37.48 -34.33 -7.70
N VAL B 17 37.47 -33.32 -6.83
CA VAL B 17 37.51 -33.57 -5.39
C VAL B 17 36.28 -34.35 -4.94
N GLY B 18 35.09 -33.84 -5.26
CA GLY B 18 33.87 -34.55 -5.00
C GLY B 18 33.19 -34.96 -6.29
N GLY B 19 31.89 -34.69 -6.39
CA GLY B 19 31.18 -34.83 -7.64
C GLY B 19 30.93 -33.46 -8.23
N PHE B 20 29.66 -33.05 -8.29
CA PHE B 20 29.35 -31.66 -8.58
C PHE B 20 29.40 -30.78 -7.34
N GLY B 21 29.33 -31.38 -6.15
CA GLY B 21 29.30 -30.62 -4.93
C GLY B 21 27.94 -30.04 -4.58
N LEU B 22 26.88 -30.62 -5.13
CA LEU B 22 25.52 -30.12 -4.93
C LEU B 22 24.72 -31.05 -4.04
N SER B 23 23.94 -30.46 -3.15
CA SER B 23 22.94 -31.17 -2.35
C SER B 23 21.56 -30.81 -2.89
N ILE B 24 20.80 -31.81 -3.31
CA ILE B 24 19.48 -31.60 -3.90
C ILE B 24 18.42 -32.19 -2.98
N LYS B 25 17.27 -31.53 -2.93
CA LYS B 25 16.20 -31.93 -2.02
C LYS B 25 14.86 -31.64 -2.68
N GLY B 26 14.06 -32.67 -2.85
CA GLY B 26 12.75 -32.53 -3.46
C GLY B 26 12.39 -33.79 -4.22
N GLY B 27 11.29 -33.72 -4.96
CA GLY B 27 10.87 -34.81 -5.79
C GLY B 27 9.37 -34.83 -6.01
N ALA B 28 8.95 -35.36 -7.15
CA ALA B 28 7.54 -35.45 -7.49
C ALA B 28 6.79 -36.44 -6.61
N GLU B 29 7.50 -37.34 -5.93
CA GLU B 29 6.84 -38.25 -4.99
C GLU B 29 6.11 -37.46 -3.90
N HIS B 30 6.61 -36.27 -3.56
CA HIS B 30 6.05 -35.43 -2.52
C HIS B 30 5.58 -34.09 -3.06
N ASN B 31 5.25 -34.06 -4.36
CA ASN B 31 4.64 -32.91 -5.03
C ASN B 31 5.48 -31.65 -4.85
N ILE B 32 6.79 -31.82 -4.94
CA ILE B 32 7.72 -30.70 -4.81
C ILE B 32 8.83 -30.84 -5.84
N PRO B 33 9.10 -29.82 -6.66
CA PRO B 33 10.24 -29.90 -7.57
C PRO B 33 11.54 -30.04 -6.78
N VAL B 34 12.48 -30.79 -7.36
CA VAL B 34 13.77 -30.98 -6.71
C VAL B 34 14.46 -29.63 -6.57
N VAL B 35 15.11 -29.42 -5.43
CA VAL B 35 15.59 -28.10 -5.04
C VAL B 35 17.01 -28.21 -4.49
N VAL B 36 17.84 -27.23 -4.82
CA VAL B 36 19.18 -27.16 -4.25
C VAL B 36 19.09 -26.82 -2.78
N SER B 37 19.62 -27.71 -1.93
CA SER B 37 19.66 -27.52 -0.49
C SER B 37 21.00 -26.96 0.01
N LYS B 38 22.11 -27.42 -0.57
CA LYS B 38 23.43 -26.95 -0.17
C LYS B 38 24.34 -26.89 -1.39
N ILE B 39 25.08 -25.79 -1.52
CA ILE B 39 26.04 -25.59 -2.60
C ILE B 39 27.43 -25.56 -1.99
N SER B 40 28.36 -26.31 -2.57
CA SER B 40 29.73 -26.28 -2.10
C SER B 40 30.35 -24.92 -2.41
N LYS B 41 31.08 -24.38 -1.43
CA LYS B 41 31.72 -23.07 -1.62
C LYS B 41 32.71 -23.09 -2.78
N GLU B 42 33.19 -24.26 -3.18
CA GLU B 42 33.94 -24.37 -4.43
C GLU B 42 33.10 -23.88 -5.60
N GLN B 43 31.92 -24.47 -5.79
CA GLN B 43 31.05 -24.01 -6.86
C GLN B 43 30.44 -22.65 -6.56
N ARG B 44 30.18 -22.36 -5.28
CA ARG B 44 29.56 -21.07 -4.95
C ARG B 44 30.49 -19.90 -5.25
N ALA B 45 31.81 -20.14 -5.26
CA ALA B 45 32.74 -19.09 -5.66
C ALA B 45 32.54 -18.70 -7.12
N GLU B 46 31.97 -19.60 -7.92
CA GLU B 46 31.69 -19.32 -9.33
C GLU B 46 30.25 -18.90 -9.60
N LEU B 47 29.32 -19.15 -8.68
CA LEU B 47 27.90 -19.04 -8.97
C LEU B 47 27.15 -18.11 -8.02
N SER B 48 27.85 -17.18 -7.38
CA SER B 48 27.19 -16.17 -6.56
C SER B 48 26.40 -15.21 -7.44
N GLY B 49 25.14 -15.00 -7.09
CA GLY B 49 24.26 -14.20 -7.94
C GLY B 49 23.68 -14.94 -9.11
N LEU B 50 23.95 -16.24 -9.23
CA LEU B 50 23.44 -17.10 -10.30
C LEU B 50 22.67 -18.30 -9.77
N LEU B 51 23.24 -19.04 -8.83
CA LEU B 51 22.54 -20.14 -8.17
C LEU B 51 22.39 -19.81 -6.69
N PHE B 52 21.17 -19.97 -6.18
CA PHE B 52 20.87 -19.75 -4.77
C PHE B 52 20.30 -21.03 -4.16
N ILE B 53 20.47 -21.17 -2.85
CA ILE B 53 19.85 -22.28 -2.14
C ILE B 53 18.34 -22.03 -2.07
N GLY B 54 17.57 -23.05 -2.46
CA GLY B 54 16.15 -22.90 -2.63
C GLY B 54 15.69 -22.83 -4.07
N ASP B 55 16.62 -22.85 -5.02
CA ASP B 55 16.27 -22.84 -6.43
C ASP B 55 15.65 -24.16 -6.84
N ALA B 56 14.68 -24.09 -7.75
CA ALA B 56 14.03 -25.27 -8.29
C ALA B 56 14.80 -25.80 -9.48
N ILE B 57 15.08 -27.11 -9.48
CA ILE B 57 15.69 -27.76 -10.63
C ILE B 57 14.57 -28.09 -11.62
N LEU B 58 14.37 -27.21 -12.61
CA LEU B 58 13.33 -27.41 -13.61
C LEU B 58 13.80 -28.30 -14.76
N GLN B 59 14.96 -28.00 -15.34
CA GLN B 59 15.49 -28.75 -16.47
C GLN B 59 16.94 -29.09 -16.22
N ILE B 60 17.31 -30.35 -16.47
CA ILE B 60 18.69 -30.80 -16.43
C ILE B 60 19.13 -31.07 -17.86
N ASN B 61 19.96 -30.16 -18.40
CA ASN B 61 20.44 -30.23 -19.79
C ASN B 61 19.28 -30.28 -20.78
N GLY B 62 18.35 -29.34 -20.64
CA GLY B 62 17.24 -29.21 -21.56
C GLY B 62 16.12 -30.20 -21.37
N ILE B 63 16.28 -31.19 -20.49
CA ILE B 63 15.24 -32.18 -20.24
C ILE B 63 14.40 -31.72 -19.06
N ASN B 64 13.10 -31.56 -19.27
CA ASN B 64 12.19 -31.10 -18.23
C ASN B 64 12.05 -32.17 -17.16
N VAL B 65 12.77 -31.98 -16.05
CA VAL B 65 12.66 -32.86 -14.89
C VAL B 65 11.76 -32.23 -13.83
N ARG B 66 10.90 -31.30 -14.24
CA ARG B 66 9.99 -30.64 -13.31
C ARG B 66 9.11 -31.66 -12.59
N LYS B 67 8.41 -32.50 -13.35
CA LYS B 67 7.56 -33.55 -12.79
C LYS B 67 8.34 -34.84 -12.53
N CYS B 68 9.65 -34.76 -12.33
CA CYS B 68 10.47 -35.94 -12.12
C CYS B 68 10.61 -36.27 -10.63
N ARG B 69 10.81 -37.55 -10.36
CA ARG B 69 11.03 -38.03 -9.00
C ARG B 69 12.47 -37.79 -8.58
N HIS B 70 12.72 -37.90 -7.28
CA HIS B 70 14.05 -37.62 -6.75
C HIS B 70 15.07 -38.61 -7.29
N GLU B 71 14.70 -39.89 -7.40
CA GLU B 71 15.61 -40.90 -7.92
C GLU B 71 15.94 -40.63 -9.38
N GLU B 72 14.98 -40.14 -10.15
CA GLU B 72 15.20 -39.89 -11.58
C GLU B 72 16.24 -38.80 -11.81
N VAL B 73 16.10 -37.67 -11.12
CA VAL B 73 17.07 -36.58 -11.30
C VAL B 73 18.44 -36.96 -10.77
N VAL B 74 18.52 -37.92 -9.84
CA VAL B 74 19.81 -38.37 -9.36
C VAL B 74 20.56 -39.12 -10.46
N GLN B 75 19.88 -40.08 -11.10
CA GLN B 75 20.53 -40.88 -12.13
C GLN B 75 20.94 -40.01 -13.32
N VAL B 76 20.10 -39.04 -13.69
CA VAL B 76 20.43 -38.14 -14.79
C VAL B 76 21.69 -37.35 -14.47
N LEU B 77 21.78 -36.83 -13.24
CA LEU B 77 22.92 -36.00 -12.87
C LEU B 77 24.22 -36.80 -12.79
N ARG B 78 24.15 -38.06 -12.35
CA ARG B 78 25.36 -38.86 -12.26
C ARG B 78 25.83 -39.41 -13.60
N ASN B 79 25.00 -39.33 -14.64
CA ASN B 79 25.37 -39.75 -15.99
C ASN B 79 25.42 -38.58 -16.97
N ALA B 80 25.82 -37.39 -16.49
CA ALA B 80 25.64 -36.15 -17.24
C ALA B 80 26.95 -35.47 -17.62
N GLY B 81 28.05 -36.24 -17.69
CA GLY B 81 29.32 -35.66 -18.05
C GLY B 81 29.91 -34.79 -16.96
N GLU B 82 30.80 -33.87 -17.36
CA GLU B 82 31.46 -32.97 -16.42
C GLU B 82 30.90 -31.55 -16.45
N GLU B 83 29.89 -31.28 -17.28
CA GLU B 83 29.23 -29.98 -17.26
C GLU B 83 27.74 -30.19 -17.43
N VAL B 84 26.96 -29.66 -16.49
CA VAL B 84 25.50 -29.73 -16.52
C VAL B 84 24.96 -28.30 -16.48
N THR B 85 23.91 -28.07 -17.25
CA THR B 85 23.18 -26.81 -17.21
C THR B 85 21.83 -27.06 -16.56
N LEU B 86 21.60 -26.44 -15.41
CA LEU B 86 20.33 -26.53 -14.69
C LEU B 86 19.52 -25.27 -14.98
N THR B 87 18.26 -25.45 -15.36
CA THR B 87 17.32 -24.35 -15.47
C THR B 87 16.60 -24.22 -14.13
N VAL B 88 16.64 -23.02 -13.56
CA VAL B 88 16.18 -22.80 -12.19
C VAL B 88 15.35 -21.53 -12.08
N SER B 89 14.59 -21.46 -11.00
CA SER B 89 13.82 -20.29 -10.60
C SER B 89 13.50 -20.42 -9.11
N PHE B 90 13.41 -19.29 -8.43
CA PHE B 90 13.03 -19.31 -7.02
C PHE B 90 11.61 -19.83 -6.86
N LEU B 91 11.44 -20.76 -5.91
CA LEU B 91 10.14 -21.01 -5.32
C LEU B 91 10.00 -20.16 -4.07
N LYS B 92 9.14 -20.57 -3.14
CA LYS B 92 8.84 -19.74 -1.97
C LYS B 92 9.39 -20.37 -0.70
N ARG B 93 9.38 -19.55 0.36
CA ARG B 93 9.80 -19.93 1.69
C ARG B 93 8.70 -19.58 2.68
N ALA B 94 8.67 -20.27 3.82
CA ALA B 94 7.64 -19.97 4.81
C ALA B 94 8.19 -19.01 5.86
N PRO B 95 7.47 -17.95 6.19
CA PRO B 95 8.02 -16.94 7.12
C PRO B 95 8.28 -17.52 8.49
N GLY B 96 9.36 -17.04 9.11
CA GLY B 96 9.66 -17.39 10.49
C GLY B 96 8.72 -16.79 11.51
N SER B 97 7.92 -15.80 11.12
CA SER B 97 6.93 -15.18 12.01
C SER B 97 5.81 -14.60 11.17
N ALA B 98 4.59 -14.67 11.72
CA ALA B 98 3.43 -14.05 11.10
C ALA B 98 3.14 -12.66 11.65
N TYR B 99 3.97 -12.17 12.56
CA TYR B 99 3.76 -10.89 13.22
C TYR B 99 4.79 -9.85 12.80
N GLY B 100 5.45 -10.04 11.67
CA GLY B 100 6.37 -9.08 11.14
C GLY B 100 5.71 -8.18 10.11
N SER B 101 6.28 -6.98 9.93
CA SER B 101 5.76 -6.05 8.95
C SER B 101 6.28 -6.37 7.54
N VAL B 102 7.58 -6.61 7.42
CA VAL B 102 8.18 -6.89 6.12
C VAL B 102 7.89 -8.34 5.75
N LYS B 103 7.35 -8.54 4.55
CA LYS B 103 7.06 -9.85 4.01
C LYS B 103 7.80 -10.01 2.69
N ALA B 104 7.93 -11.26 2.26
CA ALA B 104 8.66 -11.56 1.03
C ALA B 104 7.87 -11.12 -0.19
N TYR B 105 8.55 -10.44 -1.11
CA TYR B 105 7.94 -10.07 -2.38
C TYR B 105 7.79 -11.31 -3.26
N THR B 106 6.56 -11.61 -3.69
CA THR B 106 6.29 -12.88 -4.36
C THR B 106 7.02 -12.98 -5.70
N ASN B 107 6.89 -11.95 -6.54
CA ASN B 107 7.49 -11.94 -7.87
C ASN B 107 8.91 -11.37 -7.82
N PHE B 108 9.77 -12.09 -7.11
CA PHE B 108 11.12 -11.62 -6.82
C PHE B 108 12.09 -12.02 -7.92
N ASP B 109 12.76 -11.01 -8.51
CA ASP B 109 13.82 -11.22 -9.47
C ASP B 109 15.03 -10.45 -8.94
N ALA B 110 16.01 -11.16 -8.40
CA ALA B 110 17.14 -10.51 -7.74
C ALA B 110 18.02 -9.78 -8.75
N GLU B 111 18.06 -10.25 -9.99
CA GLU B 111 18.88 -9.58 -11.00
C GLU B 111 18.25 -8.27 -11.44
N ARG B 112 16.92 -8.27 -11.64
CA ARG B 112 16.24 -7.03 -11.97
C ARG B 112 16.37 -6.01 -10.85
N ASP B 113 16.25 -6.45 -9.60
CA ASP B 113 16.42 -5.54 -8.47
C ASP B 113 17.83 -4.98 -8.44
N ALA B 114 18.84 -5.86 -8.58
CA ALA B 114 20.22 -5.41 -8.59
C ALA B 114 20.47 -4.41 -9.70
N LEU B 115 19.89 -4.66 -10.88
CA LEU B 115 20.03 -3.73 -12.00
C LEU B 115 19.42 -2.38 -11.65
N ASN B 116 18.21 -2.39 -11.10
CA ASN B 116 17.53 -1.13 -10.80
C ASN B 116 18.19 -0.38 -9.66
N ILE B 117 18.75 -1.09 -8.68
CA ILE B 117 19.48 -0.42 -7.62
C ILE B 117 20.74 0.23 -8.18
N GLU B 118 21.44 -0.47 -9.09
CA GLU B 118 22.60 0.11 -9.74
C GLU B 118 22.24 1.37 -10.52
N THR B 119 21.13 1.33 -11.26
CA THR B 119 20.69 2.52 -12.00
C THR B 119 20.38 3.67 -11.05
N ALA B 120 19.80 3.36 -9.89
CA ALA B 120 19.49 4.42 -8.93
C ALA B 120 20.75 5.02 -8.33
N ILE B 121 21.77 4.20 -8.07
CA ILE B 121 23.02 4.71 -7.51
C ILE B 121 23.72 5.62 -8.52
N LYS B 122 23.71 5.25 -9.79
CA LYS B 122 24.45 5.99 -10.81
C LYS B 122 23.63 7.13 -11.43
N THR B 123 22.33 7.21 -11.14
CA THR B 123 21.56 8.40 -11.46
C THR B 123 22.15 9.59 -10.71
N LYS B 124 22.20 10.75 -11.38
CA LYS B 124 22.79 11.93 -10.76
C LYS B 124 21.97 12.38 -9.56
N GLY B 125 22.66 12.61 -8.44
CA GLY B 125 22.01 12.90 -7.19
C GLY B 125 21.56 11.68 -6.41
N VAL B 126 21.71 10.49 -6.99
CA VAL B 126 21.28 9.21 -6.43
C VAL B 126 19.76 9.19 -6.29
N ASP B 127 19.12 8.18 -6.89
CA ASP B 127 17.68 7.98 -6.73
C ASP B 127 17.46 7.23 -5.43
N GLU B 128 17.39 7.99 -4.32
CA GLU B 128 17.19 7.37 -3.01
C GLU B 128 15.82 6.72 -2.90
N VAL B 129 14.82 7.25 -3.63
CA VAL B 129 13.46 6.74 -3.52
C VAL B 129 13.38 5.30 -4.02
N THR B 130 13.98 5.03 -5.19
CA THR B 130 13.93 3.69 -5.75
C THR B 130 14.63 2.68 -4.84
N ILE B 131 15.78 3.05 -4.29
CA ILE B 131 16.50 2.16 -3.38
C ILE B 131 15.62 1.81 -2.19
N VAL B 132 14.95 2.82 -1.62
CA VAL B 132 14.09 2.58 -0.45
C VAL B 132 12.91 1.70 -0.84
N ASN B 133 12.27 2.02 -1.96
CA ASN B 133 11.09 1.28 -2.39
C ASN B 133 11.38 -0.20 -2.60
N ILE B 134 12.59 -0.52 -3.06
CA ILE B 134 12.93 -1.93 -3.28
C ILE B 134 13.30 -2.60 -1.97
N LEU B 135 14.33 -2.07 -1.29
CA LEU B 135 14.89 -2.78 -0.14
C LEU B 135 13.91 -2.87 1.03
N THR B 136 13.03 -1.90 1.21
CA THR B 136 12.04 -2.01 2.28
C THR B 136 10.89 -2.93 1.91
N ASN B 137 10.75 -3.29 0.63
CA ASN B 137 9.66 -4.15 0.17
C ASN B 137 10.18 -5.54 -0.23
N ARG B 138 11.30 -5.97 0.37
CA ARG B 138 11.84 -7.30 0.19
C ARG B 138 12.22 -7.83 1.57
N SER B 139 12.11 -9.15 1.73
CA SER B 139 12.54 -9.76 2.98
C SER B 139 14.06 -9.74 3.09
N ASN B 140 14.55 -9.96 4.31
CA ASN B 140 16.00 -9.96 4.53
C ASN B 140 16.69 -11.00 3.64
N GLU B 141 16.14 -12.20 3.57
CA GLU B 141 16.73 -13.23 2.72
C GLU B 141 16.79 -12.79 1.26
N GLN B 142 15.77 -12.08 0.79
CA GLN B 142 15.79 -11.61 -0.59
C GLN B 142 16.86 -10.54 -0.80
N ARG B 143 17.12 -9.72 0.21
CA ARG B 143 18.17 -8.72 0.09
C ARG B 143 19.54 -9.37 -0.06
N GLN B 144 19.78 -10.47 0.67
CA GLN B 144 21.02 -11.21 0.50
C GLN B 144 21.20 -11.67 -0.95
N ASP B 145 20.11 -12.14 -1.57
CA ASP B 145 20.18 -12.55 -2.97
C ASP B 145 20.43 -11.36 -3.88
N ILE B 146 19.81 -10.21 -3.58
CA ILE B 146 20.07 -9.00 -4.36
C ILE B 146 21.54 -8.61 -4.25
N ALA B 147 22.09 -8.67 -3.03
CA ALA B 147 23.49 -8.31 -2.84
C ALA B 147 24.41 -9.24 -3.63
N PHE B 148 24.11 -10.55 -3.63
CA PHE B 148 24.90 -11.48 -4.44
C PHE B 148 24.82 -11.12 -5.92
N ALA B 149 23.62 -10.82 -6.41
CA ALA B 149 23.46 -10.48 -7.82
C ALA B 149 24.13 -9.15 -8.16
N TYR B 150 24.11 -8.21 -7.21
CA TYR B 150 24.79 -6.93 -7.45
C TYR B 150 26.28 -7.11 -7.60
N GLN B 151 26.88 -7.98 -6.77
CA GLN B 151 28.32 -8.20 -6.86
C GLN B 151 28.68 -8.95 -8.14
N ARG B 152 27.76 -9.74 -8.68
CA ARG B 152 28.07 -10.49 -9.90
C ARG B 152 28.15 -9.56 -11.11
N ARG B 153 27.21 -8.61 -11.22
CA ARG B 153 27.13 -7.76 -12.40
C ARG B 153 28.00 -6.52 -12.31
N THR B 154 28.39 -6.10 -11.10
CA THR B 154 29.21 -4.91 -10.92
C THR B 154 30.63 -5.19 -10.45
N LYS B 155 30.90 -6.40 -9.94
CA LYS B 155 32.16 -6.77 -9.31
C LYS B 155 32.46 -5.93 -8.08
N LYS B 156 31.44 -5.25 -7.56
CA LYS B 156 31.53 -4.44 -6.35
C LYS B 156 30.45 -4.88 -5.37
N GLU B 157 30.71 -4.66 -4.09
CA GLU B 157 29.78 -5.08 -3.05
C GLU B 157 28.65 -4.07 -2.88
N LEU B 158 27.42 -4.57 -2.71
CA LEU B 158 26.27 -3.69 -2.63
C LEU B 158 26.34 -2.78 -1.40
N ALA B 159 26.75 -3.34 -0.26
CA ALA B 159 26.85 -2.54 0.96
C ALA B 159 27.84 -1.39 0.81
N SER B 160 29.00 -1.66 0.19
CA SER B 160 29.98 -0.62 -0.04
C SER B 160 29.43 0.47 -0.95
N ALA B 161 28.79 0.06 -2.05
CA ALA B 161 28.24 1.04 -3.00
C ALA B 161 27.21 1.93 -2.33
N LEU B 162 26.32 1.36 -1.53
CA LEU B 162 25.28 2.16 -0.90
C LEU B 162 25.82 3.02 0.24
N LYS B 163 26.88 2.57 0.91
CA LYS B 163 27.49 3.40 1.94
C LYS B 163 28.00 4.71 1.37
N SER B 164 28.57 4.67 0.16
CA SER B 164 29.06 5.89 -0.48
C SER B 164 27.98 6.65 -1.23
N ALA B 165 26.91 5.96 -1.65
CA ALA B 165 25.83 6.63 -2.37
C ALA B 165 24.85 7.31 -1.43
N LEU B 166 24.71 6.83 -0.20
CA LEU B 166 23.75 7.35 0.76
C LEU B 166 24.48 7.96 1.94
N SER B 167 23.77 8.84 2.66
CA SER B 167 24.35 9.53 3.81
C SER B 167 23.28 9.71 4.87
N GLY B 168 23.73 10.05 6.08
CA GLY B 168 22.83 10.33 7.16
C GLY B 168 22.10 9.10 7.70
N HIS B 169 20.94 9.37 8.29
CA HIS B 169 20.15 8.30 8.90
C HIS B 169 19.63 7.32 7.86
N LEU B 170 19.39 7.79 6.64
CA LEU B 170 18.95 6.88 5.57
C LEU B 170 19.99 5.79 5.34
N GLU B 171 21.26 6.18 5.26
CA GLU B 171 22.32 5.20 5.10
C GLU B 171 22.32 4.20 6.24
N THR B 172 22.15 4.67 7.48
CA THR B 172 22.10 3.78 8.63
C THR B 172 20.98 2.76 8.50
N VAL B 173 19.81 3.20 8.01
CA VAL B 173 18.69 2.29 7.85
C VAL B 173 19.00 1.24 6.78
N ILE B 174 19.48 1.69 5.62
CA ILE B 174 19.66 0.79 4.48
C ILE B 174 20.73 -0.25 4.77
N LEU B 175 21.89 0.21 5.28
CA LEU B 175 22.96 -0.73 5.61
C LEU B 175 22.53 -1.69 6.71
N GLY B 176 21.64 -1.25 7.60
CA GLY B 176 21.10 -2.16 8.60
C GLY B 176 20.26 -3.25 7.97
N LEU B 177 19.39 -2.89 7.02
CA LEU B 177 18.52 -3.88 6.39
C LEU B 177 19.32 -4.92 5.59
N LEU B 178 20.49 -4.52 5.08
CA LEU B 178 21.29 -5.40 4.23
C LEU B 178 21.98 -6.51 5.00
N LYS B 179 22.22 -6.34 6.30
CA LYS B 179 22.84 -7.39 7.10
C LYS B 179 21.81 -8.43 7.51
N THR B 180 22.27 -9.67 7.64
CA THR B 180 21.43 -10.70 8.23
C THR B 180 21.12 -10.34 9.68
N PRO B 181 20.07 -10.93 10.27
CA PRO B 181 19.77 -10.63 11.68
C PRO B 181 20.94 -10.82 12.60
N ALA B 182 21.68 -11.93 12.45
CA ALA B 182 22.85 -12.17 13.30
C ALA B 182 23.95 -11.17 13.02
N GLN B 183 24.17 -10.81 11.76
CA GLN B 183 25.20 -9.83 11.43
C GLN B 183 24.84 -8.45 11.98
N TYR B 184 23.57 -8.05 11.86
CA TYR B 184 23.16 -6.75 12.37
C TYR B 184 23.34 -6.67 13.88
N ASP B 185 22.89 -7.71 14.60
CA ASP B 185 23.04 -7.72 16.05
C ASP B 185 24.51 -7.74 16.46
N ALA B 186 25.33 -8.55 15.78
CA ALA B 186 26.74 -8.63 16.11
C ALA B 186 27.41 -7.26 15.97
N SER B 187 27.18 -6.58 14.85
CA SER B 187 27.82 -5.29 14.62
C SER B 187 27.30 -4.24 15.59
N GLU B 188 26.01 -4.29 15.94
CA GLU B 188 25.48 -3.36 16.93
C GLU B 188 26.11 -3.58 18.29
N LEU B 189 26.30 -4.85 18.67
CA LEU B 189 26.99 -5.15 19.92
C LEU B 189 28.42 -4.64 19.88
N LYS B 190 29.12 -4.84 18.77
CA LYS B 190 30.48 -4.32 18.64
C LYS B 190 30.50 -2.80 18.77
N ALA B 191 29.57 -2.12 18.08
CA ALA B 191 29.51 -0.67 18.15
C ALA B 191 29.27 -0.17 19.56
N SER B 192 28.56 -0.95 20.38
CA SER B 192 28.30 -0.55 21.76
C SER B 192 29.50 -0.76 22.66
N MET B 193 30.49 -1.54 22.23
CA MET B 193 31.65 -1.88 23.05
C MET B 193 32.96 -1.40 22.45
N LYS B 194 32.91 -0.46 21.50
CA LYS B 194 34.10 -0.03 20.79
C LYS B 194 34.66 1.25 21.41
N GLY B 195 35.98 1.35 21.45
CA GLY B 195 36.64 2.48 22.08
C GLY B 195 36.46 2.45 23.59
N LEU B 196 36.78 3.59 24.20
CA LEU B 196 36.58 3.75 25.63
C LEU B 196 35.12 4.09 25.91
N GLY B 197 34.63 3.62 27.06
CA GLY B 197 33.22 3.75 27.39
C GLY B 197 32.38 2.70 26.69
N THR B 198 31.10 2.69 27.04
CA THR B 198 30.19 1.66 26.55
C THR B 198 28.81 2.25 26.36
N ASP B 199 28.13 1.83 25.29
CA ASP B 199 26.71 2.13 25.09
C ASP B 199 25.91 1.04 25.81
N GLU B 200 25.85 1.16 27.14
CA GLU B 200 25.21 0.13 27.95
C GLU B 200 23.77 -0.09 27.54
N ASP B 201 23.06 0.98 27.17
CA ASP B 201 21.66 0.84 26.81
C ASP B 201 21.47 0.00 25.55
N SER B 202 22.38 0.14 24.59
CA SER B 202 22.29 -0.69 23.38
C SER B 202 22.72 -2.13 23.66
N LEU B 203 23.77 -2.30 24.47
CA LEU B 203 24.19 -3.64 24.88
C LEU B 203 23.06 -4.33 25.65
N ILE B 204 22.45 -3.63 26.60
CA ILE B 204 21.37 -4.22 27.39
C ILE B 204 20.19 -4.60 26.48
N GLU B 205 19.81 -3.69 25.59
CA GLU B 205 18.64 -3.92 24.74
C GLU B 205 18.77 -5.22 23.95
N ILE B 206 19.94 -5.45 23.35
CA ILE B 206 20.10 -6.64 22.52
C ILE B 206 20.18 -7.89 23.39
N ILE B 207 21.02 -7.86 24.42
CA ILE B 207 21.27 -9.06 25.22
C ILE B 207 20.02 -9.47 25.99
N CYS B 208 19.23 -8.49 26.45
CA CYS B 208 18.04 -8.82 27.23
C CYS B 208 16.88 -9.28 26.36
N SER B 209 16.84 -8.87 25.09
CA SER B 209 15.67 -9.12 24.27
C SER B 209 15.78 -10.36 23.37
N ARG B 210 16.99 -10.84 23.08
CA ARG B 210 17.15 -11.92 22.13
C ARG B 210 16.99 -13.28 22.79
N THR B 211 16.50 -14.25 22.02
CA THR B 211 16.22 -15.58 22.52
C THR B 211 17.48 -16.46 22.48
N ASN B 212 17.33 -17.70 22.96
CA ASN B 212 18.44 -18.65 22.98
C ASN B 212 18.98 -18.88 21.57
N GLN B 213 18.08 -19.15 20.62
CA GLN B 213 18.53 -19.45 19.26
C GLN B 213 19.15 -18.22 18.60
N GLU B 214 18.59 -17.04 18.85
CA GLU B 214 19.14 -15.81 18.28
C GLU B 214 20.52 -15.52 18.84
N LEU B 215 20.70 -15.67 20.16
CA LEU B 215 22.00 -15.44 20.76
C LEU B 215 23.01 -16.50 20.32
N GLN B 216 22.55 -17.71 20.03
CA GLN B 216 23.46 -18.74 19.50
C GLN B 216 24.08 -18.29 18.19
N GLU B 217 23.26 -17.82 17.25
CA GLU B 217 23.78 -17.35 15.97
C GLU B 217 24.58 -16.06 16.13
N ILE B 218 24.19 -15.20 17.07
CA ILE B 218 24.97 -13.98 17.33
C ILE B 218 26.37 -14.34 17.79
N ASN B 219 26.47 -15.27 18.75
CA ASN B 219 27.79 -15.66 19.26
C ASN B 219 28.66 -16.26 18.16
N ARG B 220 28.08 -17.10 17.30
CA ARG B 220 28.84 -17.67 16.20
C ARG B 220 29.27 -16.60 15.21
N VAL B 221 28.33 -15.77 14.76
CA VAL B 221 28.62 -14.76 13.75
C VAL B 221 29.56 -13.70 14.28
N TYR B 222 29.43 -13.36 15.58
CA TYR B 222 30.29 -12.34 16.17
C TYR B 222 31.76 -12.75 16.10
N LYS B 223 32.06 -14.02 16.36
CA LYS B 223 33.45 -14.45 16.30
C LYS B 223 33.93 -14.57 14.85
N GLU B 224 33.07 -14.99 13.93
CA GLU B 224 33.47 -15.05 12.53
C GLU B 224 33.73 -13.66 11.97
N MET B 225 33.08 -12.63 12.53
CA MET B 225 33.23 -11.27 12.05
C MET B 225 34.39 -10.53 12.73
N TYR B 226 34.56 -10.71 14.04
CA TYR B 226 35.49 -9.90 14.81
C TYR B 226 36.62 -10.71 15.44
N LYS B 227 36.66 -12.02 15.23
CA LYS B 227 37.73 -12.93 15.63
C LYS B 227 37.91 -13.04 17.14
N THR B 228 37.16 -12.29 17.93
CA THR B 228 37.12 -12.43 19.38
C THR B 228 35.71 -12.84 19.79
N ASP B 229 35.62 -13.63 20.85
CA ASP B 229 34.33 -14.09 21.33
C ASP B 229 33.56 -12.94 21.95
N LEU B 230 32.24 -12.94 21.76
CA LEU B 230 31.40 -11.88 22.32
C LEU B 230 31.55 -11.82 23.83
N GLU B 231 31.57 -12.99 24.50
CA GLU B 231 31.70 -13.00 25.95
C GLU B 231 32.99 -12.31 26.40
N LYS B 232 34.08 -12.51 25.66
CA LYS B 232 35.36 -11.92 26.06
C LYS B 232 35.37 -10.41 25.89
N ASP B 233 34.65 -9.89 24.90
CA ASP B 233 34.51 -8.44 24.77
C ASP B 233 33.54 -7.87 25.78
N ILE B 234 32.52 -8.64 26.17
CA ILE B 234 31.58 -8.18 27.20
C ILE B 234 32.29 -8.09 28.55
N ILE B 235 33.17 -9.05 28.84
CA ILE B 235 33.92 -9.02 30.10
C ILE B 235 34.80 -7.78 30.17
N SER B 236 35.43 -7.41 29.06
CA SER B 236 36.35 -6.27 29.05
C SER B 236 35.63 -4.92 29.07
N ASP B 237 34.31 -4.90 28.86
CA ASP B 237 33.55 -3.65 28.82
C ASP B 237 32.56 -3.50 29.97
N THR B 238 32.50 -4.48 30.87
CA THR B 238 31.55 -4.47 31.98
C THR B 238 32.27 -4.88 33.26
N SER B 239 31.63 -4.61 34.39
CA SER B 239 32.22 -4.95 35.69
C SER B 239 31.10 -5.27 36.67
N GLY B 240 31.50 -5.83 37.81
CA GLY B 240 30.60 -6.15 38.90
C GLY B 240 29.52 -7.14 38.50
N ASP B 241 28.38 -7.03 39.17
CA ASP B 241 27.24 -7.89 38.86
C ASP B 241 26.62 -7.59 37.51
N PHE B 242 26.81 -6.38 36.98
CA PHE B 242 26.34 -6.09 35.62
C PHE B 242 27.05 -6.97 34.60
N ARG B 243 28.37 -7.18 34.78
CA ARG B 243 29.09 -8.14 33.95
C ARG B 243 28.49 -9.52 34.06
N LYS B 244 28.29 -10.00 35.30
CA LYS B 244 27.78 -11.35 35.51
C LYS B 244 26.44 -11.56 34.82
N LEU B 245 25.54 -10.58 34.94
CA LEU B 245 24.22 -10.69 34.34
C LEU B 245 24.32 -10.75 32.81
N MET B 246 25.10 -9.84 32.23
CA MET B 246 25.22 -9.82 30.76
C MET B 246 25.87 -11.10 30.24
N VAL B 247 26.93 -11.57 30.91
CA VAL B 247 27.60 -12.79 30.48
C VAL B 247 26.65 -13.98 30.54
N ALA B 248 25.83 -14.05 31.59
CA ALA B 248 24.90 -15.17 31.73
C ALA B 248 23.83 -15.13 30.67
N LEU B 249 23.24 -13.96 30.43
CA LEU B 249 22.19 -13.85 29.41
C LEU B 249 22.74 -14.14 28.03
N ALA B 250 23.96 -13.70 27.74
CA ALA B 250 24.51 -13.82 26.40
C ALA B 250 24.80 -15.26 26.01
N LYS B 251 24.93 -16.17 26.98
CA LYS B 251 25.22 -17.56 26.63
C LYS B 251 24.07 -18.18 25.85
N GLY B 252 22.86 -17.66 26.00
CA GLY B 252 21.68 -18.20 25.34
C GLY B 252 21.39 -19.63 25.74
N ARG B 253 21.42 -19.93 27.02
CA ARG B 253 21.22 -21.29 27.54
C ARG B 253 20.05 -21.33 28.53
N ARG B 254 19.11 -20.41 28.39
CA ARG B 254 17.92 -20.40 29.23
C ARG B 254 17.11 -21.67 28.98
N ALA B 255 16.48 -22.18 30.05
CA ALA B 255 15.65 -23.36 29.92
C ALA B 255 14.56 -23.14 28.89
N GLU B 256 14.37 -24.12 28.01
CA GLU B 256 13.33 -24.04 26.99
C GLU B 256 11.97 -24.28 27.63
N ASP B 257 10.95 -23.66 27.03
CA ASP B 257 9.58 -23.73 27.53
C ASP B 257 9.15 -25.18 27.76
N GLY B 258 8.96 -25.56 29.02
CA GLY B 258 8.54 -26.90 29.34
C GLY B 258 7.03 -27.08 29.28
N SER B 259 6.61 -28.28 28.93
CA SER B 259 5.20 -28.52 28.74
C SER B 259 4.40 -28.31 30.03
N VAL B 260 4.95 -28.74 31.16
CA VAL B 260 4.24 -28.72 32.43
C VAL B 260 4.56 -27.43 33.18
N ILE B 261 3.53 -26.81 33.73
CA ILE B 261 3.68 -25.66 34.61
C ILE B 261 4.00 -26.16 36.00
N ASP B 262 5.14 -25.73 36.54
CA ASP B 262 5.59 -26.17 37.86
C ASP B 262 5.13 -25.15 38.88
N TYR B 263 3.89 -25.31 39.36
CA TYR B 263 3.32 -24.36 40.31
C TYR B 263 4.12 -24.29 41.60
N GLU B 264 4.74 -25.40 42.01
CA GLU B 264 5.53 -25.38 43.24
C GLU B 264 6.80 -24.56 43.07
N LEU B 265 7.50 -24.74 41.93
CA LEU B 265 8.69 -23.95 41.67
C LEU B 265 8.36 -22.49 41.44
N ILE B 266 7.22 -22.21 40.81
CA ILE B 266 6.75 -20.83 40.63
C ILE B 266 6.68 -20.14 41.99
N ASP B 267 6.13 -20.81 42.99
CA ASP B 267 6.01 -20.21 44.31
C ASP B 267 7.37 -20.06 44.97
N GLN B 268 8.21 -21.09 44.90
CA GLN B 268 9.52 -21.02 45.54
C GLN B 268 10.38 -19.93 44.91
N ASP B 269 10.37 -19.83 43.57
CA ASP B 269 11.11 -18.77 42.90
C ASP B 269 10.61 -17.40 43.32
N ALA B 270 9.29 -17.24 43.43
CA ALA B 270 8.73 -15.96 43.84
C ALA B 270 9.15 -15.62 45.27
N ARG B 271 9.08 -16.60 46.18
CA ARG B 271 9.54 -16.36 47.55
C ARG B 271 11.02 -16.04 47.59
N ASP B 272 11.83 -16.76 46.80
CA ASP B 272 13.26 -16.51 46.80
C ASP B 272 13.60 -15.12 46.30
N LEU B 273 12.89 -14.64 45.27
CA LEU B 273 13.11 -13.28 44.79
C LEU B 273 12.74 -12.25 45.84
N TYR B 274 11.68 -12.51 46.60
CA TYR B 274 11.30 -11.59 47.67
C TYR B 274 12.31 -11.64 48.80
N ASP B 275 12.65 -12.84 49.27
CA ASP B 275 13.59 -12.99 50.37
C ASP B 275 14.98 -12.46 50.04
N ALA B 276 15.33 -12.41 48.76
CA ALA B 276 16.67 -11.99 48.35
C ALA B 276 16.78 -10.50 48.08
N GLY B 277 15.71 -9.74 48.26
CA GLY B 277 15.77 -8.32 47.95
C GLY B 277 14.99 -7.43 48.89
N VAL B 278 13.69 -7.29 48.64
CA VAL B 278 12.86 -6.34 49.38
C VAL B 278 12.71 -6.77 50.85
N LYS B 279 12.68 -8.08 51.11
CA LYS B 279 12.47 -8.54 52.48
C LYS B 279 13.71 -8.35 53.34
N ARG B 280 14.91 -8.43 52.76
CA ARG B 280 16.14 -8.34 53.52
C ARG B 280 16.80 -6.98 53.34
N LYS B 281 17.74 -6.68 54.24
CA LYS B 281 18.64 -5.55 54.06
C LYS B 281 19.67 -5.92 52.99
N GLY B 282 19.82 -5.07 51.99
CA GLY B 282 20.67 -5.41 50.88
C GLY B 282 19.96 -6.28 49.85
N THR B 283 20.76 -6.92 49.01
CA THR B 283 20.22 -7.73 47.92
C THR B 283 21.15 -8.90 47.62
N ASP B 284 20.58 -10.10 47.51
CA ASP B 284 21.31 -11.26 47.02
C ASP B 284 21.21 -11.25 45.50
N VAL B 285 22.09 -10.45 44.88
CA VAL B 285 22.07 -10.31 43.42
C VAL B 285 22.24 -11.65 42.71
N PRO B 286 23.20 -12.52 43.07
CA PRO B 286 23.34 -13.79 42.34
C PRO B 286 22.08 -14.63 42.33
N LYS B 287 21.28 -14.59 43.39
CA LYS B 287 20.01 -15.32 43.39
C LYS B 287 19.06 -14.74 42.36
N TRP B 288 19.03 -13.42 42.22
CA TRP B 288 18.23 -12.80 41.16
C TRP B 288 18.75 -13.22 39.78
N ILE B 289 20.07 -13.19 39.60
CA ILE B 289 20.66 -13.52 38.30
C ILE B 289 20.38 -14.97 37.94
N SER B 290 20.50 -15.88 38.90
CA SER B 290 20.25 -17.29 38.63
C SER B 290 18.82 -17.53 38.16
N ILE B 291 17.85 -17.02 38.92
CA ILE B 291 16.45 -17.30 38.61
C ILE B 291 16.05 -16.66 37.28
N MET B 292 16.38 -15.39 37.10
CA MET B 292 15.89 -14.67 35.93
C MET B 292 16.64 -15.00 34.65
N THR B 293 17.79 -15.69 34.72
CA THR B 293 18.47 -16.10 33.51
C THR B 293 18.28 -17.58 33.17
N GLU B 294 18.00 -18.42 34.16
CA GLU B 294 17.94 -19.86 33.93
C GLU B 294 16.54 -20.40 33.72
N ARG B 295 15.52 -19.77 34.29
CA ARG B 295 14.16 -20.27 34.16
C ARG B 295 13.57 -19.88 32.80
N SER B 296 12.65 -20.71 32.32
CA SER B 296 11.98 -20.41 31.06
C SER B 296 11.17 -19.12 31.17
N VAL B 297 10.94 -18.50 30.01
CA VAL B 297 10.18 -17.24 30.00
C VAL B 297 8.76 -17.42 30.51
N PRO B 298 7.96 -18.39 30.03
CA PRO B 298 6.61 -18.54 30.59
C PRO B 298 6.61 -18.81 32.09
N HIS B 299 7.58 -19.58 32.57
CA HIS B 299 7.67 -19.82 34.01
C HIS B 299 7.96 -18.52 34.76
N LEU B 300 8.87 -17.70 34.25
CA LEU B 300 9.19 -16.45 34.93
C LEU B 300 8.03 -15.46 34.86
N GLN B 301 7.23 -15.50 33.80
CA GLN B 301 6.02 -14.68 33.75
C GLN B 301 5.10 -15.00 34.93
N LYS B 302 4.86 -16.28 35.18
CA LYS B 302 4.02 -16.67 36.32
C LYS B 302 4.73 -16.41 37.64
N VAL B 303 6.06 -16.49 37.67
CA VAL B 303 6.81 -16.19 38.89
C VAL B 303 6.65 -14.72 39.25
N PHE B 304 6.64 -13.85 38.25
CA PHE B 304 6.50 -12.42 38.54
C PHE B 304 5.10 -12.07 39.04
N ASP B 305 4.07 -12.76 38.56
CA ASP B 305 2.72 -12.52 39.08
CA ASP B 305 2.73 -12.49 39.09
C ASP B 305 2.57 -13.06 40.49
N ARG B 306 3.16 -14.23 40.75
CA ARG B 306 3.12 -14.78 42.11
C ARG B 306 3.94 -13.92 43.06
N TYR B 307 4.97 -13.24 42.54
CA TYR B 307 5.78 -12.36 43.38
C TYR B 307 4.95 -11.24 44.00
N LYS B 308 3.94 -10.75 43.27
CA LYS B 308 3.09 -9.70 43.80
C LYS B 308 2.26 -10.17 44.99
N SER B 309 2.07 -11.48 45.14
CA SER B 309 1.36 -12.00 46.29
C SER B 309 2.17 -11.84 47.57
N TYR B 310 3.50 -11.90 47.47
CA TYR B 310 4.38 -11.78 48.63
C TYR B 310 4.89 -10.37 48.85
N SER B 311 4.99 -9.56 47.78
CA SER B 311 5.68 -8.29 47.87
C SER B 311 4.72 -7.12 47.70
N PRO B 312 4.87 -6.05 48.49
CA PRO B 312 4.08 -4.84 48.23
C PRO B 312 4.42 -4.18 46.91
N TYR B 313 5.62 -4.38 46.39
CA TYR B 313 6.04 -3.84 45.11
C TYR B 313 6.20 -4.98 44.11
N ASP B 314 5.90 -4.69 42.84
CA ASP B 314 6.09 -5.71 41.82
C ASP B 314 7.57 -5.81 41.47
N MET B 315 7.89 -6.74 40.57
CA MET B 315 9.29 -7.03 40.26
C MET B 315 10.01 -5.79 39.72
N LEU B 316 9.33 -5.01 38.87
CA LEU B 316 9.96 -3.81 38.33
C LEU B 316 10.23 -2.78 39.42
N GLU B 317 9.21 -2.47 40.23
CA GLU B 317 9.42 -1.52 41.32
C GLU B 317 10.38 -2.05 42.36
N SER B 318 10.39 -3.36 42.59
CA SER B 318 11.36 -3.94 43.51
C SER B 318 12.79 -3.74 42.99
N ILE B 319 12.97 -3.83 41.67
CA ILE B 319 14.30 -3.69 41.08
C ILE B 319 14.83 -2.28 41.29
N ARG B 320 13.97 -1.27 41.04
CA ARG B 320 14.39 0.11 41.23
C ARG B 320 14.83 0.37 42.67
N LYS B 321 14.10 -0.19 43.64
CA LYS B 321 14.39 0.10 45.04
C LYS B 321 15.61 -0.64 45.56
N GLU B 322 15.97 -1.77 44.94
CA GLU B 322 17.03 -2.63 45.48
C GLU B 322 18.37 -2.43 44.79
N VAL B 323 18.39 -2.07 43.51
CA VAL B 323 19.64 -1.91 42.78
C VAL B 323 19.61 -0.61 41.99
N LYS B 324 20.80 -0.17 41.57
CA LYS B 324 20.98 1.11 40.90
C LYS B 324 21.83 0.93 39.64
N GLY B 325 21.89 1.99 38.83
CA GLY B 325 22.86 2.06 37.76
C GLY B 325 22.57 1.10 36.62
N ASP B 326 23.65 0.53 36.07
CA ASP B 326 23.53 -0.36 34.91
C ASP B 326 22.83 -1.66 35.28
N LEU B 327 23.16 -2.23 36.44
CA LEU B 327 22.47 -3.44 36.90
C LEU B 327 20.97 -3.22 36.98
N GLU B 328 20.56 -2.07 37.51
CA GLU B 328 19.13 -1.73 37.57
C GLU B 328 18.53 -1.67 36.17
N ASN B 329 19.18 -0.95 35.25
CA ASN B 329 18.65 -0.82 33.91
C ASN B 329 18.58 -2.16 33.19
N ALA B 330 19.53 -3.05 33.45
CA ALA B 330 19.51 -4.37 32.83
C ALA B 330 18.37 -5.21 33.36
N PHE B 331 18.22 -5.27 34.68
CA PHE B 331 17.13 -6.03 35.29
C PHE B 331 15.78 -5.51 34.82
N LEU B 332 15.61 -4.19 34.79
CA LEU B 332 14.36 -3.60 34.32
C LEU B 332 14.06 -4.01 32.88
N ASN B 333 15.08 -3.93 32.02
CA ASN B 333 14.89 -4.31 30.62
C ASN B 333 14.58 -5.80 30.49
N LEU B 334 15.30 -6.63 31.24
CA LEU B 334 15.09 -8.07 31.17
C LEU B 334 13.66 -8.43 31.57
N VAL B 335 13.16 -7.84 32.65
CA VAL B 335 11.84 -8.19 33.15
C VAL B 335 10.76 -7.73 32.18
N GLN B 336 10.95 -6.57 31.55
CA GLN B 336 10.02 -6.11 30.53
C GLN B 336 9.99 -7.07 29.35
N CYS B 337 11.17 -7.54 28.91
CA CYS B 337 11.23 -8.47 27.80
C CYS B 337 10.59 -9.81 28.14
N ILE B 338 10.65 -10.21 29.42
CA ILE B 338 10.02 -11.45 29.84
C ILE B 338 8.51 -11.29 29.91
N GLN B 339 8.05 -10.16 30.45
CA GLN B 339 6.62 -9.95 30.68
C GLN B 339 5.88 -9.67 29.37
N ASN B 340 6.38 -8.74 28.57
CA ASN B 340 5.72 -8.39 27.30
C ASN B 340 6.77 -7.73 26.41
N LYS B 341 7.46 -8.54 25.61
CA LYS B 341 8.50 -8.01 24.75
C LYS B 341 7.98 -7.04 23.70
N PRO B 342 6.86 -7.29 23.00
CA PRO B 342 6.33 -6.25 22.09
C PRO B 342 6.03 -4.94 22.80
N LEU B 343 5.54 -4.98 24.03
CA LEU B 343 5.34 -3.74 24.79
C LEU B 343 6.66 -3.09 25.12
N TYR B 344 7.67 -3.88 25.49
CA TYR B 344 9.00 -3.37 25.78
C TYR B 344 9.53 -2.53 24.62
N PHE B 345 9.42 -3.07 23.40
CA PHE B 345 9.87 -2.32 22.23
C PHE B 345 8.96 -1.14 21.93
N ALA B 346 7.66 -1.29 22.19
CA ALA B 346 6.74 -0.17 21.98
C ALA B 346 7.11 1.01 22.86
N ASP B 347 7.52 0.75 24.11
CA ASP B 347 7.89 1.83 25.01
C ASP B 347 9.26 2.42 24.65
N ARG B 348 10.18 1.60 24.15
CA ARG B 348 11.47 2.14 23.73
C ARG B 348 11.32 3.02 22.50
N LEU B 349 10.43 2.63 21.58
CA LEU B 349 10.13 3.49 20.44
C LEU B 349 9.54 4.82 20.88
N TYR B 350 8.60 4.78 21.83
CA TYR B 350 8.03 6.01 22.36
C TYR B 350 9.11 6.89 22.99
N ASP B 351 9.97 6.29 23.81
CA ASP B 351 11.02 7.05 24.48
C ASP B 351 11.99 7.70 23.49
N SER B 352 12.27 7.03 22.37
CA SER B 352 13.22 7.55 21.41
C SER B 352 12.67 8.73 20.61
N MET B 353 11.36 8.99 20.69
CA MET B 353 10.75 10.06 19.94
C MET B 353 10.00 11.08 20.80
N LYS B 354 9.65 10.73 22.04
CA LYS B 354 8.68 11.52 22.80
C LYS B 354 9.15 12.96 23.00
N GLY B 355 10.44 13.16 23.21
CA GLY B 355 10.98 14.45 23.61
C GLY B 355 11.63 15.19 22.47
N LYS B 356 12.46 16.18 22.83
CA LYS B 356 13.21 16.95 21.85
C LYS B 356 14.06 16.02 21.00
N GLY B 357 14.07 16.27 19.69
CA GLY B 357 14.84 15.46 18.77
C GLY B 357 14.39 14.01 18.77
N THR B 358 15.32 13.15 18.33
CA THR B 358 15.05 11.73 18.17
C THR B 358 16.29 10.94 18.54
N ARG B 359 16.11 9.86 19.30
CA ARG B 359 17.19 8.90 19.52
C ARG B 359 17.22 7.93 18.34
N ASP B 360 17.73 8.45 17.21
CA ASP B 360 17.65 7.73 15.94
C ASP B 360 18.29 6.35 16.02
N LYS B 361 19.36 6.22 16.80
CA LYS B 361 20.04 4.93 16.92
C LYS B 361 19.11 3.85 17.45
N VAL B 362 18.30 4.18 18.46
CA VAL B 362 17.36 3.20 19.00
C VAL B 362 16.19 3.01 18.05
N LEU B 363 15.67 4.10 17.49
CA LEU B 363 14.55 4.00 16.56
C LEU B 363 14.90 3.13 15.36
N ILE B 364 16.08 3.33 14.79
CA ILE B 364 16.47 2.59 13.59
C ILE B 364 16.66 1.11 13.91
N ARG B 365 17.37 0.81 15.00
CA ARG B 365 17.68 -0.58 15.31
C ARG B 365 16.41 -1.39 15.57
N ILE B 366 15.45 -0.79 16.28
CA ILE B 366 14.22 -1.51 16.59
C ILE B 366 13.39 -1.74 15.34
N MET B 367 13.32 -0.74 14.46
CA MET B 367 12.54 -0.89 13.24
C MET B 367 13.15 -1.94 12.31
N VAL B 368 14.48 -2.00 12.24
CA VAL B 368 15.12 -2.98 11.39
C VAL B 368 15.05 -4.37 12.02
N SER B 369 15.40 -4.47 13.32
CA SER B 369 15.57 -5.78 13.94
C SER B 369 14.24 -6.47 14.19
N ARG B 370 13.16 -5.73 14.40
CA ARG B 370 11.87 -6.35 14.68
C ARG B 370 10.94 -6.34 13.47
N SER B 371 11.44 -5.93 12.29
CA SER B 371 10.58 -5.84 11.12
C SER B 371 10.04 -7.19 10.69
N GLU B 372 10.80 -8.27 10.92
CA GLU B 372 10.35 -9.60 10.54
C GLU B 372 10.11 -10.49 11.75
N VAL B 373 10.02 -9.91 12.94
CA VAL B 373 9.75 -10.70 14.15
C VAL B 373 8.36 -10.41 14.68
N ASP B 374 8.16 -9.23 15.29
CA ASP B 374 6.91 -8.98 16.01
C ASP B 374 6.47 -7.53 15.86
N MET B 375 6.71 -6.92 14.69
CA MET B 375 6.38 -5.52 14.51
C MET B 375 4.87 -5.27 14.62
N LEU B 376 4.07 -6.23 14.15
CA LEU B 376 2.62 -6.05 14.25
C LEU B 376 2.16 -6.02 15.70
N LYS B 377 2.74 -6.87 16.54
CA LYS B 377 2.40 -6.84 17.97
C LYS B 377 2.89 -5.56 18.62
N ILE B 378 4.11 -5.13 18.28
CA ILE B 378 4.63 -3.85 18.78
C ILE B 378 3.67 -2.72 18.43
N ARG B 379 3.18 -2.69 17.20
CA ARG B 379 2.26 -1.63 16.77
C ARG B 379 0.95 -1.71 17.52
N SER B 380 0.45 -2.94 17.75
CA SER B 380 -0.78 -3.13 18.50
C SER B 380 -0.65 -2.57 19.91
N GLU B 381 0.44 -2.93 20.60
CA GLU B 381 0.67 -2.41 21.96
C GLU B 381 0.86 -0.90 21.94
N PHE B 382 1.56 -0.38 20.92
CA PHE B 382 1.86 1.05 20.88
C PHE B 382 0.59 1.87 20.74
N LYS B 383 -0.28 1.48 19.80
CA LYS B 383 -1.54 2.20 19.59
C LYS B 383 -2.44 2.12 20.82
N ARG B 384 -2.48 0.95 21.47
CA ARG B 384 -3.32 0.75 22.64
C ARG B 384 -2.89 1.66 23.78
N LYS B 385 -1.58 1.74 24.04
CA LYS B 385 -1.11 2.51 25.18
C LYS B 385 -1.09 4.01 24.88
N TYR B 386 -0.68 4.39 23.68
CA TYR B 386 -0.40 5.80 23.41
C TYR B 386 -1.50 6.51 22.62
N GLY B 387 -2.50 5.79 22.13
CA GLY B 387 -3.65 6.38 21.48
C GLY B 387 -3.47 6.72 20.01
N LYS B 388 -2.24 6.94 19.57
CA LYS B 388 -1.91 7.16 18.18
C LYS B 388 -0.97 6.06 17.72
N SER B 389 -0.89 5.87 16.40
CA SER B 389 -0.12 4.76 15.86
C SER B 389 1.38 5.04 15.92
N LEU B 390 2.16 3.96 15.85
CA LEU B 390 3.60 4.07 15.70
C LEU B 390 3.94 4.85 14.43
N TYR B 391 3.21 4.58 13.35
CA TYR B 391 3.32 5.34 12.10
C TYR B 391 3.25 6.84 12.36
N TYR B 392 2.30 7.26 13.20
CA TYR B 392 2.10 8.68 13.45
C TYR B 392 3.32 9.31 14.13
N TYR B 393 3.88 8.63 15.13
CA TYR B 393 5.01 9.19 15.85
C TYR B 393 6.26 9.24 14.97
N ILE B 394 6.48 8.21 14.15
CA ILE B 394 7.60 8.24 13.21
C ILE B 394 7.44 9.40 12.24
N GLN B 395 6.19 9.69 11.86
CA GLN B 395 5.92 10.76 10.90
C GLN B 395 6.27 12.13 11.49
N GLN B 396 6.02 12.32 12.79
CA GLN B 396 6.26 13.62 13.41
C GLN B 396 7.72 13.84 13.79
N ASP B 397 8.52 12.77 13.88
CA ASP B 397 9.89 12.90 14.37
C ASP B 397 10.95 12.78 13.30
N THR B 398 10.60 12.31 12.11
CA THR B 398 11.54 12.12 11.02
C THR B 398 10.99 12.75 9.76
N LYS B 399 11.87 13.01 8.80
CA LYS B 399 11.50 13.67 7.56
C LYS B 399 12.21 12.99 6.39
N GLY B 400 11.77 13.31 5.18
CA GLY B 400 12.42 12.87 3.97
C GLY B 400 12.36 11.36 3.74
N ASP B 401 13.29 10.89 2.91
CA ASP B 401 13.33 9.48 2.54
C ASP B 401 13.69 8.61 3.74
N TYR B 402 14.39 9.17 4.73
CA TYR B 402 14.59 8.48 6.00
C TYR B 402 13.25 8.16 6.65
N GLN B 403 12.36 9.16 6.71
CA GLN B 403 11.02 8.95 7.25
C GLN B 403 10.29 7.86 6.47
N LYS B 404 10.34 7.93 5.14
CA LYS B 404 9.58 6.98 4.33
C LYS B 404 10.10 5.56 4.51
N ALA B 405 11.41 5.39 4.69
CA ALA B 405 11.96 4.06 4.94
C ALA B 405 11.42 3.49 6.25
N LEU B 406 11.43 4.30 7.32
CA LEU B 406 10.93 3.83 8.60
C LEU B 406 9.43 3.54 8.54
N LEU B 407 8.67 4.39 7.85
CA LEU B 407 7.24 4.15 7.71
C LEU B 407 6.96 2.88 6.90
N TYR B 408 7.82 2.56 5.93
CA TYR B 408 7.63 1.32 5.19
C TYR B 408 7.93 0.11 6.07
N LEU B 409 9.00 0.18 6.86
CA LEU B 409 9.27 -0.87 7.84
C LEU B 409 8.17 -0.98 8.88
N CYS B 410 7.35 0.06 9.03
CA CYS B 410 6.22 -0.03 9.95
C CYS B 410 5.17 -1.00 9.42
N GLY B 411 5.00 -1.06 8.11
CA GLY B 411 4.06 -1.97 7.50
C GLY B 411 2.62 -1.51 7.52
N GLY B 412 2.37 -0.20 7.68
CA GLY B 412 1.04 0.34 7.66
C GLY B 412 0.76 1.22 8.86
N ASP B 413 -0.43 1.81 8.84
CA ASP B 413 -0.90 2.72 9.87
C ASP B 413 -1.98 2.03 10.71
N ASP B 414 -2.03 2.40 11.99
CA ASP B 414 -3.01 1.82 12.91
C ASP B 414 -4.09 2.82 13.32
N ARG C 3 -0.25 13.83 -11.92
CA ARG C 3 0.44 13.13 -10.84
C ARG C 3 1.25 11.95 -11.38
N LYS C 4 2.52 11.87 -10.95
CA LYS C 4 3.43 10.82 -11.37
C LYS C 4 3.60 10.79 -12.89
N LEU C 5 3.64 11.97 -13.49
CA LEU C 5 3.85 12.11 -14.92
C LEU C 5 5.33 12.00 -15.25
N PRO C 6 5.70 11.95 -16.53
CA PRO C 6 7.12 12.01 -16.90
C PRO C 6 7.81 13.22 -16.28
N GLU C 7 8.89 12.98 -15.56
CA GLU C 7 9.54 13.98 -14.73
C GLU C 7 11.01 14.13 -15.15
N THR C 8 11.28 15.12 -15.99
CA THR C 8 12.65 15.48 -16.33
C THR C 8 13.23 16.33 -15.20
N THR C 9 14.45 16.02 -14.80
CA THR C 9 15.15 16.76 -13.75
C THR C 9 16.25 17.61 -14.38
N LEU C 10 16.24 18.90 -14.08
CA LEU C 10 17.23 19.82 -14.63
C LEU C 10 17.98 20.56 -13.52
N LEU D 5 11.57 -35.60 3.14
CA LEU D 5 12.50 -34.73 2.44
C LEU D 5 13.71 -35.52 1.95
N PRO D 6 13.62 -36.10 0.74
CA PRO D 6 14.76 -36.84 0.18
C PRO D 6 15.86 -35.90 -0.26
N GLU D 7 17.05 -36.07 0.32
CA GLU D 7 18.20 -35.24 0.00
C GLU D 7 19.35 -36.13 -0.45
N THR D 8 19.96 -35.77 -1.58
CA THR D 8 21.14 -36.45 -2.10
C THR D 8 22.20 -35.41 -2.41
N THR D 9 23.45 -35.71 -2.05
CA THR D 9 24.59 -34.84 -2.31
C THR D 9 25.46 -35.51 -3.36
N LEU D 10 25.37 -35.03 -4.61
CA LEU D 10 26.14 -35.60 -5.71
C LEU D 10 27.15 -34.59 -6.25
CA CA E . -14.51 -17.23 3.99
CA CA F . -16.71 -16.58 -8.71
CA CA G . -29.45 -6.11 -28.29
CA CA H . -50.89 16.20 -27.06
CA CA I . -36.48 -6.15 -1.10
C1 GOL J . -26.72 16.10 -17.54
O1 GOL J . -26.09 16.77 -18.58
C2 GOL J . -28.23 16.06 -17.86
O2 GOL J . -28.51 15.24 -18.96
C3 GOL J . -28.91 15.58 -16.56
O3 GOL J . -28.15 14.54 -16.05
C1 GOL K . -29.20 28.13 -22.08
O1 GOL K . -28.70 26.92 -21.61
C2 GOL K . -28.73 29.26 -21.13
O2 GOL K . -29.04 30.53 -21.62
C3 GOL K . -27.20 29.04 -20.97
O3 GOL K . -26.97 28.69 -19.64
C1 GOL L . -20.83 9.20 -12.52
O1 GOL L . -21.53 8.63 -11.46
C2 GOL L . -19.77 8.17 -13.00
O2 GOL L . -19.09 7.59 -11.93
C3 GOL L . -18.83 8.98 -13.92
O3 GOL L . -18.79 8.33 -15.15
CA CA M . 28.77 8.42 3.20
CA CA N . 34.97 0.10 25.76
CA CA O . 16.65 -4.51 50.57
CA CA P . 10.91 14.05 19.14
C1 GOL Q . 14.62 -14.56 26.23
O1 GOL Q . 15.13 -15.83 26.50
C2 GOL Q . 14.70 -13.77 27.55
O2 GOL Q . 16.02 -13.55 27.96
C3 GOL Q . 13.93 -12.45 27.29
O3 GOL Q . 14.24 -12.05 25.98
C1 GOL R . 11.48 -24.02 34.55
O1 GOL R . 12.23 -23.23 33.69
C2 GOL R . 10.19 -24.45 33.81
O2 GOL R . 9.46 -25.39 34.51
C3 GOL R . 10.69 -24.99 32.44
O3 GOL R . 9.61 -24.87 31.56
C1 GOL S . 17.46 -11.76 15.58
O1 GOL S . 18.71 -11.73 16.19
C2 GOL S . 16.91 -10.31 15.62
O2 GOL S . 16.33 -9.94 14.42
C3 GOL S . 15.92 -10.29 16.79
O3 GOL S . 15.25 -9.07 16.72
#